data_9G5J
#
_entry.id   9G5J
#
_cell.length_a   73.430
_cell.length_b   95.410
_cell.length_c   126.810
_cell.angle_alpha   90.00
_cell.angle_beta   90.00
_cell.angle_gamma   90.00
#
_symmetry.space_group_name_H-M   'P 21 21 21'
#
loop_
_entity.id
_entity.type
_entity.pdbx_description
1 polymer 'ATLF-like domain-containing protein'
2 polymer ACE-GLU-PRO-LEU-PRO-PRO-PRO-PRO-NH2
3 non-polymer 'ZINC ION'
4 non-polymer 'TETRAETHYLENE GLYCOL'
5 non-polymer 'TRIETHYLENE GLYCOL'
6 water water
#
loop_
_entity_poly.entity_id
_entity_poly.type
_entity_poly.pdbx_seq_one_letter_code
_entity_poly.pdbx_strand_id
1 'polypeptide(L)'
;MGSSHHHHHHSSGLVPRGSHMAHGVLLEESGLDVQTIPSHDVLGRIVIVPETDFSFDEANETIRTLARIDRRILEQAANH
HIYIQLLTNPITDEPIARHLRGKTPRGYVPGSKTWDEVPGIGGAHLVLVRLGHSEKGKGHGSINLELHAFAHSLDYIVFD
HIHETDEFQALWREEAPQLFPREYFFLTYPEEYFAESFAYYYVSEKTQETLRMAAPRTYTFIRQLAERAS
;
A,B,C,D
2 'polypeptide(L)' (ACE)EPLPPPP(NH2) E,F,G,H
#
loop_
_chem_comp.id
_chem_comp.type
_chem_comp.name
_chem_comp.formula
ACE non-polymer 'ACETYL GROUP' 'C2 H4 O'
NH2 non-polymer 'AMINO GROUP' 'H2 N'
PG4 non-polymer 'TETRAETHYLENE GLYCOL' 'C8 H18 O5'
PGE non-polymer 'TRIETHYLENE GLYCOL' 'C6 H14 O4'
ZN non-polymer 'ZINC ION' 'Zn 2'
#
# COMPACT_ATOMS: atom_id res chain seq x y z
N HIS A 23 25.19 6.20 -21.66
CA HIS A 23 25.74 7.36 -20.98
C HIS A 23 24.86 8.58 -21.20
N GLY A 24 24.63 8.94 -22.46
CA GLY A 24 23.80 10.07 -22.79
C GLY A 24 24.61 11.28 -23.21
N VAL A 25 23.95 12.19 -23.93
CA VAL A 25 24.57 13.42 -24.42
C VAL A 25 23.68 14.59 -24.03
N LEU A 26 24.29 15.68 -23.57
CA LEU A 26 23.50 16.88 -23.32
C LEU A 26 22.90 17.39 -24.63
N LEU A 27 21.69 17.92 -24.56
CA LEU A 27 21.00 18.37 -25.76
C LEU A 27 21.84 19.42 -26.48
N GLU A 28 22.47 20.32 -25.72
CA GLU A 28 23.30 21.36 -26.31
C GLU A 28 24.54 20.81 -26.98
N GLU A 29 24.96 19.60 -26.62
CA GLU A 29 26.12 18.95 -27.23
C GLU A 29 25.73 17.94 -28.31
N SER A 30 24.43 17.73 -28.54
CA SER A 30 23.98 16.82 -29.57
C SER A 30 23.84 17.54 -30.90
N GLY A 31 23.63 16.76 -31.96
CA GLY A 31 23.41 17.32 -33.28
C GLY A 31 22.01 17.81 -33.54
N LEU A 32 21.10 17.61 -32.60
CA LEU A 32 19.71 17.99 -32.79
C LEU A 32 19.61 19.52 -32.87
N ASP A 33 18.90 20.00 -33.89
CA ASP A 33 18.66 21.43 -34.04
C ASP A 33 17.46 21.84 -33.21
N VAL A 34 17.61 22.90 -32.40
CA VAL A 34 16.57 23.26 -31.46
C VAL A 34 16.42 24.76 -31.26
N GLN A 35 17.01 25.56 -32.15
CA GLN A 35 16.96 27.01 -31.94
C GLN A 35 15.55 27.56 -32.04
N THR A 36 14.66 26.90 -32.80
CA THR A 36 13.27 27.33 -32.87
C THR A 36 12.46 26.82 -31.69
N ILE A 37 13.06 26.03 -30.81
CA ILE A 37 12.34 25.55 -29.62
C ILE A 37 12.44 26.62 -28.55
N PRO A 38 11.33 27.04 -27.94
CA PRO A 38 11.41 28.07 -26.89
C PRO A 38 12.30 27.61 -25.75
N SER A 39 13.06 28.56 -25.20
CA SER A 39 13.93 28.31 -24.06
C SER A 39 14.96 27.23 -24.34
N HIS A 40 15.41 27.13 -25.59
CA HIS A 40 16.34 26.06 -25.94
C HIS A 40 17.69 26.22 -25.26
N ASP A 41 18.06 27.43 -24.84
CA ASP A 41 19.34 27.61 -24.15
C ASP A 41 19.33 26.93 -22.79
N VAL A 42 18.22 27.02 -22.07
CA VAL A 42 18.17 26.40 -20.75
C VAL A 42 17.88 24.91 -20.87
N LEU A 43 16.98 24.52 -21.78
CA LEU A 43 16.73 23.11 -21.99
C LEU A 43 17.96 22.39 -22.54
N GLY A 44 18.81 23.11 -23.28
CA GLY A 44 20.04 22.52 -23.75
C GLY A 44 20.96 22.06 -22.64
N ARG A 45 20.84 22.64 -21.45
CA ARG A 45 21.66 22.23 -20.33
C ARG A 45 20.92 21.29 -19.39
N ILE A 46 19.64 21.06 -19.62
CA ILE A 46 18.82 20.20 -18.76
C ILE A 46 18.60 18.83 -19.38
N VAL A 47 18.28 18.80 -20.66
CA VAL A 47 17.87 17.57 -21.32
C VAL A 47 19.08 16.78 -21.78
N ILE A 48 19.02 15.46 -21.59
CA ILE A 48 20.04 14.52 -22.04
C ILE A 48 19.36 13.55 -22.99
N VAL A 49 19.88 13.43 -24.21
CA VAL A 49 19.30 12.53 -25.21
C VAL A 49 20.21 11.32 -25.35
N PRO A 50 19.73 10.19 -25.87
CA PRO A 50 20.58 9.00 -25.94
C PRO A 50 21.80 9.17 -26.85
N GLU A 51 22.81 8.35 -26.57
CA GLU A 51 24.01 8.24 -27.41
C GLU A 51 23.78 7.34 -28.61
N THR A 52 22.70 6.57 -28.61
CA THR A 52 22.39 5.57 -29.62
C THR A 52 21.14 6.01 -30.39
N ASP A 53 21.13 5.68 -31.68
CA ASP A 53 20.02 6.01 -32.57
C ASP A 53 18.69 6.02 -31.83
N PHE A 54 18.03 7.18 -31.83
CA PHE A 54 16.67 7.30 -31.35
C PHE A 54 15.79 7.97 -32.40
N SER A 55 14.56 8.30 -32.03
CA SER A 55 13.60 8.90 -32.95
C SER A 55 13.58 10.41 -32.76
N PHE A 56 13.88 11.13 -33.84
CA PHE A 56 14.00 12.58 -33.75
C PHE A 56 12.65 13.23 -33.49
N ASP A 57 11.57 12.63 -34.02
CA ASP A 57 10.24 13.15 -33.76
C ASP A 57 9.86 13.02 -32.30
N GLU A 58 10.07 11.84 -31.72
CA GLU A 58 9.68 11.64 -30.32
C GLU A 58 10.49 12.54 -29.40
N ALA A 59 11.78 12.71 -29.68
CA ALA A 59 12.59 13.60 -28.85
C ALA A 59 12.16 15.05 -29.03
N ASN A 60 11.82 15.44 -30.26
CA ASN A 60 11.43 16.82 -30.52
C ASN A 60 10.10 17.15 -29.86
N GLU A 61 9.14 16.21 -29.90
CA GLU A 61 7.85 16.47 -29.28
C GLU A 61 7.97 16.53 -27.76
N THR A 62 8.83 15.69 -27.18
CA THR A 62 9.03 15.71 -25.74
C THR A 62 9.68 17.02 -25.30
N ILE A 63 10.68 17.48 -26.06
CA ILE A 63 11.39 18.70 -25.68
C ILE A 63 10.50 19.92 -25.87
N ARG A 64 9.73 19.97 -26.95
CA ARG A 64 8.86 21.12 -27.17
C ARG A 64 7.75 21.18 -26.13
N THR A 65 7.31 20.02 -25.61
CA THR A 65 6.35 20.01 -24.52
C THR A 65 6.97 20.60 -23.26
N LEU A 66 8.19 20.19 -22.93
CA LEU A 66 8.87 20.78 -21.78
C LEU A 66 9.11 22.26 -21.98
N ALA A 67 9.26 22.70 -23.23
CA ALA A 67 9.49 24.11 -23.53
C ALA A 67 8.26 24.97 -23.28
N ARG A 68 7.09 24.37 -23.04
CA ARG A 68 5.91 25.15 -22.66
C ARG A 68 6.00 25.65 -21.22
N ILE A 69 6.90 25.08 -20.42
CA ILE A 69 7.05 25.50 -19.03
C ILE A 69 7.64 26.90 -18.96
N ASP A 70 7.11 27.73 -18.07
CA ASP A 70 7.59 29.09 -17.92
C ASP A 70 9.09 29.08 -17.67
N ARG A 71 9.79 30.01 -18.33
CA ARG A 71 11.25 29.95 -18.34
C ARG A 71 11.82 30.12 -16.94
N ARG A 72 11.16 30.90 -16.08
CA ARG A 72 11.67 31.07 -14.72
C ARG A 72 11.74 29.74 -13.99
N ILE A 73 10.79 28.85 -14.24
CA ILE A 73 10.81 27.53 -13.62
C ILE A 73 11.94 26.69 -14.20
N LEU A 74 12.07 26.68 -15.53
CA LEU A 74 13.15 25.91 -16.15
C LEU A 74 14.50 26.40 -15.66
N GLU A 75 14.66 27.71 -15.52
CA GLU A 75 15.92 28.26 -15.05
C GLU A 75 16.21 27.82 -13.61
N GLN A 76 15.18 27.74 -12.78
CA GLN A 76 15.38 27.28 -11.41
C GLN A 76 15.79 25.81 -11.40
N ALA A 77 15.22 25.01 -12.30
CA ALA A 77 15.62 23.62 -12.43
C ALA A 77 17.09 23.51 -12.78
N ALA A 78 17.57 24.34 -13.70
CA ALA A 78 18.98 24.32 -14.06
C ALA A 78 19.85 24.76 -12.89
N ASN A 79 19.37 25.72 -12.09
CA ASN A 79 20.13 26.17 -10.93
C ASN A 79 20.26 25.07 -9.89
N HIS A 80 19.24 24.22 -9.76
CA HIS A 80 19.27 23.09 -8.84
C HIS A 80 19.87 21.83 -9.45
N HIS A 81 20.42 21.92 -10.66
CA HIS A 81 21.10 20.81 -11.31
C HIS A 81 20.16 19.63 -11.54
N ILE A 82 18.96 19.92 -12.00
CA ILE A 82 18.02 18.90 -12.43
C ILE A 82 18.22 18.64 -13.92
N TYR A 83 18.26 17.37 -14.30
CA TYR A 83 18.42 16.94 -15.67
C TYR A 83 17.28 16.00 -16.03
N ILE A 84 16.91 16.01 -17.30
CA ILE A 84 15.85 15.15 -17.83
C ILE A 84 16.48 14.30 -18.90
N GLN A 85 16.71 13.02 -18.62
CA GLN A 85 17.32 12.11 -19.57
C GLN A 85 16.24 11.33 -20.30
N LEU A 86 16.25 11.43 -21.64
CA LEU A 86 15.34 10.68 -22.49
C LEU A 86 15.99 9.36 -22.88
N LEU A 87 15.24 8.27 -22.72
CA LEU A 87 15.78 6.93 -22.86
C LEU A 87 15.08 6.18 -24.00
N THR A 88 15.78 5.19 -24.55
CA THR A 88 15.21 4.24 -25.49
C THR A 88 15.15 2.84 -24.91
N ASN A 89 15.09 2.74 -23.59
CA ASN A 89 15.14 1.47 -22.88
C ASN A 89 14.45 1.65 -21.54
N PRO A 90 14.13 0.56 -20.84
CA PRO A 90 13.49 0.69 -19.52
C PRO A 90 14.34 1.54 -18.59
N ILE A 91 13.66 2.28 -17.71
CA ILE A 91 14.37 3.19 -16.83
C ILE A 91 15.27 2.44 -15.86
N THR A 92 14.90 1.21 -15.50
CA THR A 92 15.69 0.44 -14.55
C THR A 92 16.98 -0.10 -15.12
N ASP A 93 17.23 0.08 -16.43
CA ASP A 93 18.54 -0.22 -16.98
C ASP A 93 19.58 0.84 -16.60
N GLU A 94 19.15 2.00 -16.11
CA GLU A 94 20.09 3.06 -15.77
C GLU A 94 20.59 2.88 -14.34
N PRO A 95 21.87 3.18 -14.09
CA PRO A 95 22.41 2.95 -12.73
C PRO A 95 21.61 3.61 -11.64
N ILE A 96 21.02 4.77 -11.92
CA ILE A 96 20.36 5.53 -10.88
C ILE A 96 19.09 4.83 -10.40
N ALA A 97 18.46 4.02 -11.26
CA ALA A 97 17.22 3.34 -10.92
C ALA A 97 17.35 1.82 -10.86
N ARG A 98 18.58 1.30 -10.97
CA ARG A 98 18.75 -0.15 -10.96
C ARG A 98 18.18 -0.78 -9.70
N HIS A 99 18.29 -0.08 -8.56
CA HIS A 99 17.86 -0.67 -7.30
C HIS A 99 16.35 -0.89 -7.23
N LEU A 100 15.59 -0.36 -8.18
CA LEU A 100 14.14 -0.49 -8.20
C LEU A 100 13.65 -1.71 -8.97
N ARG A 101 14.57 -2.46 -9.58
CA ARG A 101 14.20 -3.63 -10.36
C ARG A 101 13.42 -4.63 -9.50
N GLY A 102 12.29 -5.08 -10.02
CA GLY A 102 11.48 -6.08 -9.38
C GLY A 102 10.55 -5.58 -8.30
N LYS A 103 10.52 -4.28 -8.03
CA LYS A 103 9.76 -3.72 -6.92
C LYS A 103 8.52 -2.99 -7.41
N THR A 104 7.47 -3.03 -6.60
CA THR A 104 6.23 -2.34 -6.92
C THR A 104 6.38 -0.84 -6.72
N PRO A 105 6.00 -0.02 -7.69
CA PRO A 105 6.10 1.43 -7.50
C PRO A 105 5.20 1.92 -6.37
N ARG A 106 5.60 3.02 -5.76
CA ARG A 106 4.82 3.62 -4.68
C ARG A 106 3.42 3.95 -5.17
N GLY A 107 2.41 3.57 -4.39
CA GLY A 107 1.03 3.86 -4.73
C GLY A 107 0.36 2.87 -5.64
N TYR A 108 1.10 1.91 -6.20
CA TYR A 108 0.51 0.90 -7.06
C TYR A 108 0.05 -0.30 -6.23
N VAL A 109 -0.96 -0.99 -6.74
CA VAL A 109 -1.46 -2.20 -6.08
C VAL A 109 -0.43 -3.30 -6.23
N PRO A 110 -0.03 -3.98 -5.15
CA PRO A 110 0.97 -5.06 -5.29
C PRO A 110 0.57 -6.09 -6.32
N GLY A 111 1.54 -6.53 -7.11
CA GLY A 111 1.31 -7.54 -8.12
C GLY A 111 0.77 -7.02 -9.43
N SER A 112 0.58 -5.72 -9.57
CA SER A 112 0.04 -5.15 -10.79
C SER A 112 1.11 -4.47 -11.65
N LYS A 113 2.34 -4.34 -11.16
CA LYS A 113 3.35 -3.56 -11.85
C LYS A 113 4.69 -3.60 -11.11
N THR A 114 5.79 -3.58 -11.85
CA THR A 114 7.12 -3.36 -11.30
C THR A 114 7.71 -2.12 -11.94
N TRP A 115 8.73 -1.57 -11.28
CA TRP A 115 9.40 -0.38 -11.79
C TRP A 115 9.99 -0.62 -13.18
N ASP A 116 10.35 -1.87 -13.49
CA ASP A 116 10.91 -2.17 -14.81
C ASP A 116 9.94 -1.82 -15.92
N GLU A 117 8.64 -1.84 -15.63
CA GLU A 117 7.60 -1.56 -16.61
C GLU A 117 7.16 -0.10 -16.62
N VAL A 118 7.69 0.73 -15.73
CA VAL A 118 7.28 2.12 -15.61
C VAL A 118 8.13 2.96 -16.58
N PRO A 119 7.51 3.73 -17.48
CA PRO A 119 8.29 4.43 -18.51
C PRO A 119 8.85 5.78 -18.06
N GLY A 120 8.59 6.24 -16.84
CA GLY A 120 9.11 7.51 -16.40
C GLY A 120 9.20 7.57 -14.89
N ILE A 121 10.16 8.35 -14.39
CA ILE A 121 10.33 8.53 -12.95
C ILE A 121 10.89 9.92 -12.69
N GLY A 122 10.34 10.58 -11.69
CA GLY A 122 10.83 11.88 -11.25
C GLY A 122 10.90 11.94 -9.73
N GLY A 123 11.32 13.11 -9.24
CA GLY A 123 11.42 13.36 -7.81
C GLY A 123 12.84 13.64 -7.32
N ALA A 124 13.85 13.24 -8.08
CA ALA A 124 15.25 13.46 -7.73
C ALA A 124 15.88 14.37 -8.79
N HIS A 125 17.20 14.50 -8.73
CA HIS A 125 17.90 15.41 -9.63
C HIS A 125 18.00 14.89 -11.05
N LEU A 126 17.78 13.59 -11.28
CA LEU A 126 17.79 13.01 -12.61
C LEU A 126 16.42 12.40 -12.90
N VAL A 127 15.66 13.07 -13.76
CA VAL A 127 14.39 12.55 -14.25
C VAL A 127 14.67 11.63 -15.43
N LEU A 128 13.96 10.50 -15.49
CA LEU A 128 14.10 9.55 -16.59
C LEU A 128 12.76 9.49 -17.31
N VAL A 129 12.80 9.62 -18.64
CA VAL A 129 11.60 9.57 -19.46
C VAL A 129 11.91 8.74 -20.70
N ARG A 130 11.17 7.66 -20.89
CA ARG A 130 11.34 6.81 -22.05
C ARG A 130 10.57 7.37 -23.24
N LEU A 131 11.28 7.58 -24.35
CA LEU A 131 10.66 8.13 -25.55
C LEU A 131 9.57 7.19 -26.06
N GLY A 132 8.55 7.79 -26.68
CA GLY A 132 7.46 7.02 -27.25
C GLY A 132 6.39 6.58 -26.28
N HIS A 133 6.49 6.99 -25.01
CA HIS A 133 5.53 6.61 -23.98
C HIS A 133 4.89 7.83 -23.34
N SER A 134 4.78 8.93 -24.09
CA SER A 134 4.34 10.19 -23.50
CA SER A 134 4.34 10.19 -23.51
C SER A 134 2.85 10.17 -23.21
N GLU A 135 2.04 9.74 -24.18
CA GLU A 135 0.60 9.86 -24.07
C GLU A 135 0.00 8.81 -23.13
N LYS A 136 -1.23 9.09 -22.70
CA LYS A 136 -1.90 8.27 -21.70
C LYS A 136 -2.07 6.84 -22.19
N GLY A 137 -1.81 5.88 -21.31
CA GLY A 137 -1.97 4.48 -21.59
C GLY A 137 -0.71 3.77 -22.03
N LYS A 138 0.36 4.51 -22.34
CA LYS A 138 1.58 3.90 -22.85
C LYS A 138 2.48 3.52 -21.67
N GLY A 139 2.00 2.55 -20.90
CA GLY A 139 2.66 2.12 -19.69
C GLY A 139 2.36 2.94 -18.46
N HIS A 140 1.46 3.92 -18.56
CA HIS A 140 1.16 4.83 -17.48
C HIS A 140 -0.22 5.44 -17.73
N GLY A 141 -0.69 6.23 -16.77
CA GLY A 141 -2.02 6.82 -16.86
C GLY A 141 -2.05 8.33 -16.84
N SER A 142 -0.90 8.96 -17.07
CA SER A 142 -0.81 10.41 -17.13
C SER A 142 -1.15 10.92 -18.53
N ILE A 143 -1.64 12.17 -18.59
CA ILE A 143 -1.88 12.78 -19.89
C ILE A 143 -0.57 13.15 -20.58
N ASN A 144 0.53 13.28 -19.83
CA ASN A 144 1.82 13.57 -20.43
C ASN A 144 2.93 13.13 -19.48
N LEU A 145 3.68 12.10 -19.90
CA LEU A 145 4.65 11.47 -19.01
C LEU A 145 5.76 12.43 -18.60
N GLU A 146 6.33 13.17 -19.57
CA GLU A 146 7.50 13.97 -19.26
C GLU A 146 7.16 15.14 -18.34
N LEU A 147 5.99 15.75 -18.52
CA LEU A 147 5.59 16.84 -17.65
C LEU A 147 5.28 16.33 -16.25
N HIS A 148 4.66 15.16 -16.14
CA HIS A 148 4.36 14.60 -14.83
C HIS A 148 5.63 14.26 -14.08
N ALA A 149 6.55 13.55 -14.73
CA ALA A 149 7.79 13.15 -14.06
C ALA A 149 8.61 14.37 -13.67
N PHE A 150 8.74 15.34 -14.56
CA PHE A 150 9.52 16.55 -14.26
C PHE A 150 8.89 17.33 -13.12
N ALA A 151 7.55 17.37 -13.06
CA ALA A 151 6.89 18.10 -11.99
C ALA A 151 7.24 17.54 -10.62
N HIS A 152 7.52 16.23 -10.55
CA HIS A 152 7.94 15.64 -9.27
C HIS A 152 9.25 16.23 -8.79
N SER A 153 10.20 16.43 -9.69
CA SER A 153 11.50 16.97 -9.28
C SER A 153 11.37 18.46 -8.95
N LEU A 154 10.53 19.18 -9.68
CA LEU A 154 10.28 20.58 -9.33
C LEU A 154 9.67 20.69 -7.94
N ASP A 155 8.69 19.84 -7.65
CA ASP A 155 8.04 19.84 -6.34
C ASP A 155 9.05 19.58 -5.23
N TYR A 156 9.82 18.50 -5.34
CA TYR A 156 10.67 18.07 -4.24
C TYR A 156 11.95 18.88 -4.10
N ILE A 157 12.51 19.36 -5.19
CA ILE A 157 13.83 19.98 -5.19
C ILE A 157 13.74 21.49 -5.33
N VAL A 158 13.05 21.97 -6.38
CA VAL A 158 13.03 23.42 -6.64
C VAL A 158 12.15 24.13 -5.63
N PHE A 159 10.99 23.55 -5.30
CA PHE A 159 10.03 24.19 -4.42
C PHE A 159 9.97 23.56 -3.04
N ASP A 160 10.97 22.74 -2.69
CA ASP A 160 11.16 22.23 -1.33
C ASP A 160 9.90 21.57 -0.79
N HIS A 161 9.44 20.57 -1.53
CA HIS A 161 8.26 19.78 -1.15
C HIS A 161 7.06 20.68 -0.91
N ILE A 162 6.74 21.48 -1.93
CA ILE A 162 5.65 22.43 -1.79
C ILE A 162 4.30 21.71 -1.68
N HIS A 163 4.22 20.44 -2.07
CA HIS A 163 2.97 19.71 -1.92
C HIS A 163 2.62 19.49 -0.45
N GLU A 164 3.57 19.70 0.46
CA GLU A 164 3.34 19.52 1.89
C GLU A 164 2.82 20.77 2.58
N THR A 165 2.85 21.93 1.92
CA THR A 165 2.39 23.15 2.54
C THR A 165 0.91 23.06 2.90
N ASP A 166 0.50 23.79 3.94
CA ASP A 166 -0.90 23.81 4.34
C ASP A 166 -1.77 24.32 3.19
N GLU A 167 -1.27 25.29 2.43
CA GLU A 167 -2.03 25.81 1.30
C GLU A 167 -2.34 24.71 0.29
N PHE A 168 -1.30 23.99 -0.14
CA PHE A 168 -1.53 22.96 -1.14
C PHE A 168 -2.35 21.80 -0.59
N GLN A 169 -2.16 21.46 0.69
CA GLN A 169 -2.95 20.38 1.27
C GLN A 169 -4.44 20.72 1.24
N ALA A 170 -4.77 22.00 1.44
CA ALA A 170 -6.17 22.42 1.36
C ALA A 170 -6.70 22.29 -0.06
N LEU A 171 -5.91 22.72 -1.05
CA LEU A 171 -6.34 22.62 -2.43
C LEU A 171 -6.55 21.16 -2.82
N TRP A 172 -5.67 20.27 -2.33
CA TRP A 172 -5.73 18.86 -2.69
C TRP A 172 -6.98 18.20 -2.13
N ARG A 173 -7.29 18.45 -0.86
CA ARG A 173 -8.47 17.84 -0.28
C ARG A 173 -9.75 18.33 -0.95
N GLU A 174 -9.79 19.61 -1.34
CA GLU A 174 -11.03 20.17 -1.87
C GLU A 174 -11.23 19.82 -3.34
N GLU A 175 -10.15 19.88 -4.14
CA GLU A 175 -10.31 19.88 -5.59
C GLU A 175 -9.79 18.63 -6.28
N ALA A 176 -8.96 17.82 -5.62
CA ALA A 176 -8.58 16.55 -6.21
C ALA A 176 -9.79 15.70 -6.58
N PRO A 177 -10.84 15.60 -5.76
CA PRO A 177 -12.03 14.85 -6.20
C PRO A 177 -12.76 15.49 -7.37
N GLN A 178 -12.52 16.78 -7.65
CA GLN A 178 -13.20 17.44 -8.76
C GLN A 178 -12.55 17.12 -10.10
N LEU A 179 -11.23 16.95 -10.13
CA LEU A 179 -10.52 16.67 -11.35
C LEU A 179 -10.24 15.19 -11.57
N PHE A 180 -10.07 14.43 -10.49
CA PHE A 180 -9.78 12.99 -10.58
C PHE A 180 -10.75 12.23 -9.68
N PRO A 181 -12.05 12.28 -9.98
CA PRO A 181 -13.03 11.67 -9.07
C PRO A 181 -12.85 10.16 -8.96
N ARG A 182 -12.85 9.69 -7.72
CA ARG A 182 -12.78 8.27 -7.42
C ARG A 182 -11.53 7.60 -7.99
N GLU A 183 -10.44 8.35 -8.09
CA GLU A 183 -9.14 7.84 -8.50
C GLU A 183 -8.26 7.82 -7.27
N TYR A 184 -8.16 6.65 -6.63
CA TYR A 184 -7.45 6.56 -5.35
C TYR A 184 -6.05 7.15 -5.43
N PHE A 185 -5.38 7.02 -6.58
CA PHE A 185 -3.99 7.43 -6.69
C PHE A 185 -3.83 8.93 -6.42
N PHE A 186 -4.66 9.75 -7.05
CA PHE A 186 -4.58 11.18 -6.85
C PHE A 186 -5.27 11.63 -5.56
N LEU A 187 -6.25 10.86 -5.09
CA LEU A 187 -6.94 11.20 -3.85
C LEU A 187 -6.18 10.76 -2.61
N THR A 188 -5.11 9.98 -2.77
CA THR A 188 -4.31 9.51 -1.65
C THR A 188 -2.97 10.21 -1.52
N TYR A 189 -2.35 10.55 -2.65
CA TYR A 189 -0.98 11.10 -2.66
C TYR A 189 -0.98 12.53 -3.17
N PRO A 190 -0.84 13.52 -2.29
CA PRO A 190 -0.88 14.91 -2.76
C PRO A 190 0.24 15.23 -3.74
N GLU A 191 1.41 14.60 -3.60
CA GLU A 191 2.50 14.83 -4.55
C GLU A 191 2.12 14.36 -5.94
N GLU A 192 1.27 13.34 -6.03
CA GLU A 192 0.80 12.88 -7.33
C GLU A 192 -0.24 13.82 -7.92
N TYR A 193 -1.10 14.38 -7.07
CA TYR A 193 -2.03 15.40 -7.54
C TYR A 193 -1.28 16.63 -8.06
N PHE A 194 -0.18 17.00 -7.39
CA PHE A 194 0.62 18.13 -7.86
C PHE A 194 1.19 17.86 -9.25
N ALA A 195 1.81 16.70 -9.44
CA ALA A 195 2.51 16.43 -10.68
C ALA A 195 1.54 16.38 -11.86
N GLU A 196 0.36 15.77 -11.67
CA GLU A 196 -0.60 15.65 -12.76
C GLU A 196 -1.33 16.97 -13.01
N SER A 197 -1.58 17.78 -11.97
CA SER A 197 -2.13 19.10 -12.19
C SER A 197 -1.17 19.97 -12.96
N PHE A 198 0.13 19.84 -12.67
CA PHE A 198 1.16 20.54 -13.43
C PHE A 198 1.10 20.15 -14.91
N ALA A 199 0.93 18.86 -15.19
CA ALA A 199 0.83 18.43 -16.58
C ALA A 199 -0.41 18.99 -17.26
N TYR A 200 -1.54 19.01 -16.55
CA TYR A 200 -2.74 19.60 -17.13
C TYR A 200 -2.51 21.07 -17.47
N TYR A 201 -1.75 21.77 -16.64
CA TYR A 201 -1.54 23.20 -16.87
C TYR A 201 -0.75 23.45 -18.14
N TYR A 202 0.21 22.58 -18.46
CA TYR A 202 1.18 22.85 -19.50
C TYR A 202 1.05 21.98 -20.75
N VAL A 203 0.15 21.00 -20.76
CA VAL A 203 0.06 20.12 -21.92
C VAL A 203 -0.57 20.86 -23.11
N SER A 204 -1.65 21.62 -22.86
CA SER A 204 -2.31 22.31 -23.97
C SER A 204 -3.28 23.36 -23.41
N GLU A 205 -3.76 24.22 -24.31
CA GLU A 205 -4.77 25.19 -23.91
C GLU A 205 -6.03 24.49 -23.40
N LYS A 206 -6.37 23.34 -23.98
CA LYS A 206 -7.57 22.61 -23.58
C LYS A 206 -7.44 22.07 -22.15
N THR A 207 -6.36 21.35 -21.86
CA THR A 207 -6.22 20.73 -20.55
C THR A 207 -6.03 21.77 -19.46
N GLN A 208 -5.33 22.87 -19.76
CA GLN A 208 -5.22 23.94 -18.78
C GLN A 208 -6.59 24.52 -18.45
N GLU A 209 -7.46 24.61 -19.46
CA GLU A 209 -8.80 25.12 -19.22
C GLU A 209 -9.62 24.13 -18.40
N THR A 210 -9.43 22.82 -18.66
CA THR A 210 -10.07 21.80 -17.84
C THR A 210 -9.68 21.96 -16.38
N LEU A 211 -8.38 22.16 -16.13
CA LEU A 211 -7.91 22.36 -14.76
C LEU A 211 -8.52 23.61 -14.15
N ARG A 212 -8.57 24.70 -14.93
CA ARG A 212 -9.12 25.96 -14.44
C ARG A 212 -10.60 25.83 -14.11
N MET A 213 -11.34 25.02 -14.87
CA MET A 213 -12.78 24.91 -14.66
C MET A 213 -13.11 24.04 -13.46
N ALA A 214 -12.43 22.89 -13.31
CA ALA A 214 -12.75 21.94 -12.27
C ALA A 214 -12.06 22.24 -10.95
N ALA A 215 -10.90 22.88 -10.98
CA ALA A 215 -10.07 23.10 -9.79
C ALA A 215 -9.43 24.47 -9.88
N PRO A 216 -10.23 25.53 -9.75
CA PRO A 216 -9.68 26.88 -9.97
C PRO A 216 -8.57 27.25 -9.00
N ARG A 217 -8.65 26.83 -7.74
CA ARG A 217 -7.58 27.14 -6.82
C ARG A 217 -6.28 26.43 -7.20
N THR A 218 -6.40 25.18 -7.68
CA THR A 218 -5.22 24.44 -8.10
C THR A 218 -4.59 25.08 -9.33
N TYR A 219 -5.42 25.49 -10.29
CA TYR A 219 -4.92 26.24 -11.43
C TYR A 219 -4.12 27.45 -10.97
N THR A 220 -4.69 28.23 -10.05
CA THR A 220 -4.01 29.43 -9.58
C THR A 220 -2.68 29.08 -8.93
N PHE A 221 -2.65 27.99 -8.16
CA PHE A 221 -1.42 27.59 -7.48
C PHE A 221 -0.32 27.27 -8.49
N ILE A 222 -0.63 26.45 -9.50
CA ILE A 222 0.36 26.10 -10.50
C ILE A 222 0.82 27.35 -11.24
N ARG A 223 -0.12 28.25 -11.56
CA ARG A 223 0.23 29.49 -12.25
C ARG A 223 1.20 30.32 -11.42
N GLN A 224 1.02 30.33 -10.10
CA GLN A 224 1.89 31.14 -9.24
C GLN A 224 3.28 30.54 -9.08
N LEU A 225 3.51 29.31 -9.55
CA LEU A 225 4.84 28.72 -9.42
C LEU A 225 5.88 29.51 -10.20
N ALA A 226 5.52 29.99 -11.39
CA ALA A 226 6.46 30.78 -12.18
C ALA A 226 6.92 32.02 -11.43
N GLU A 227 6.03 32.61 -10.63
CA GLU A 227 6.39 33.76 -9.82
C GLU A 227 7.21 33.36 -8.60
N ARG A 228 6.97 32.18 -8.05
CA ARG A 228 7.79 31.69 -6.94
C ARG A 228 9.21 31.38 -7.39
N ALA A 229 9.38 30.97 -8.64
CA ALA A 229 10.70 30.55 -9.13
C ALA A 229 11.63 31.73 -9.39
N SER A 230 11.11 32.95 -9.47
CA SER A 230 11.94 34.12 -9.68
C SER A 230 12.21 34.82 -8.35
N ALA B 22 24.77 -2.60 -3.83
CA ALA B 22 25.57 -1.41 -4.13
C ALA B 22 26.47 -1.06 -2.95
N HIS B 23 27.69 -0.59 -3.24
CA HIS B 23 28.70 -0.47 -2.19
C HIS B 23 28.50 0.79 -1.35
N GLY B 24 28.13 1.92 -1.95
CA GLY B 24 27.87 3.09 -1.15
C GLY B 24 29.00 4.10 -1.19
N VAL B 25 28.68 5.33 -0.76
CA VAL B 25 29.65 6.42 -0.68
C VAL B 25 29.59 7.02 0.72
N LEU B 26 30.75 7.37 1.26
CA LEU B 26 30.80 8.05 2.55
C LEU B 26 30.10 9.41 2.44
N LEU B 27 29.41 9.79 3.52
CA LEU B 27 28.60 10.99 3.49
C LEU B 27 29.43 12.23 3.17
N GLU B 28 30.63 12.33 3.73
CA GLU B 28 31.45 13.51 3.47
C GLU B 28 31.91 13.59 2.02
N GLU B 29 31.93 12.46 1.30
CA GLU B 29 32.33 12.42 -0.10
C GLU B 29 31.14 12.39 -1.06
N SER B 30 29.92 12.39 -0.55
CA SER B 30 28.74 12.36 -1.39
C SER B 30 28.31 13.77 -1.76
N GLY B 31 27.35 13.84 -2.70
CA GLY B 31 26.79 15.12 -3.11
C GLY B 31 25.72 15.68 -2.22
N LEU B 32 25.30 14.94 -1.20
CA LEU B 32 24.23 15.40 -0.33
C LEU B 32 24.69 16.62 0.46
N ASP B 33 23.86 17.67 0.48
CA ASP B 33 24.16 18.87 1.24
C ASP B 33 23.71 18.67 2.69
N VAL B 34 24.62 18.97 3.62
CA VAL B 34 24.41 18.71 5.04
C VAL B 34 25.03 19.81 5.90
N GLN B 35 25.30 20.97 5.30
CA GLN B 35 25.96 22.03 6.04
C GLN B 35 25.10 22.54 7.19
N THR B 36 23.78 22.46 7.06
CA THR B 36 22.85 22.88 8.11
C THR B 36 22.57 21.82 9.16
N ILE B 37 23.11 20.61 9.00
CA ILE B 37 22.84 19.54 9.95
C ILE B 37 23.82 19.60 11.11
N PRO B 38 23.37 19.57 12.36
CA PRO B 38 24.31 19.56 13.49
C PRO B 38 25.24 18.36 13.42
N SER B 39 26.49 18.59 13.79
CA SER B 39 27.50 17.54 13.82
C SER B 39 27.67 16.88 12.46
N HIS B 40 27.45 17.64 11.38
CA HIS B 40 27.54 17.07 10.04
C HIS B 40 28.97 16.65 9.70
N ASP B 41 29.97 17.27 10.32
CA ASP B 41 31.34 16.86 10.07
C ASP B 41 31.61 15.47 10.64
N VAL B 42 31.04 15.17 11.80
CA VAL B 42 31.26 13.86 12.41
C VAL B 42 30.37 12.80 11.75
N LEU B 43 29.12 13.15 11.44
CA LEU B 43 28.28 12.19 10.73
C LEU B 43 28.84 11.90 9.35
N GLY B 44 29.58 12.86 8.78
CA GLY B 44 30.21 12.64 7.49
C GLY B 44 31.17 11.47 7.45
N ARG B 45 31.72 11.10 8.60
CA ARG B 45 32.64 9.97 8.64
C ARG B 45 31.99 8.68 9.12
N ILE B 46 30.73 8.72 9.55
CA ILE B 46 30.02 7.54 10.02
C ILE B 46 29.04 7.00 9.00
N VAL B 47 28.28 7.88 8.36
CA VAL B 47 27.18 7.46 7.51
C VAL B 47 27.66 7.16 6.10
N ILE B 48 27.15 6.07 5.54
CA ILE B 48 27.37 5.68 4.16
C ILE B 48 26.02 5.72 3.47
N VAL B 49 25.89 6.54 2.43
CA VAL B 49 24.61 6.71 1.76
C VAL B 49 24.64 6.01 0.41
N PRO B 50 23.47 5.68 -0.15
CA PRO B 50 23.45 5.07 -1.49
C PRO B 50 24.00 6.02 -2.54
N GLU B 51 24.41 5.44 -3.67
CA GLU B 51 24.88 6.24 -4.79
C GLU B 51 23.75 6.89 -5.57
N THR B 52 22.51 6.45 -5.37
CA THR B 52 21.38 7.00 -6.11
C THR B 52 20.79 8.17 -5.31
N ASP B 53 20.47 9.25 -6.01
CA ASP B 53 19.85 10.39 -5.36
C ASP B 53 18.35 10.22 -5.18
N PHE B 54 17.78 9.13 -5.70
CA PHE B 54 16.39 8.82 -5.37
C PHE B 54 16.22 8.46 -3.90
N SER B 55 17.31 8.27 -3.16
CA SER B 55 17.24 7.96 -1.75
C SER B 55 17.59 9.15 -0.85
N PHE B 56 17.84 10.33 -1.42
CA PHE B 56 18.35 11.43 -0.61
C PHE B 56 17.33 12.00 0.37
N ASP B 57 16.02 11.94 0.07
CA ASP B 57 15.05 12.42 1.04
C ASP B 57 15.08 11.58 2.31
N GLU B 58 14.96 10.25 2.16
CA GLU B 58 14.99 9.36 3.32
C GLU B 58 16.35 9.36 3.98
N ALA B 59 17.42 9.48 3.18
CA ALA B 59 18.76 9.56 3.75
C ALA B 59 18.93 10.86 4.55
N ASN B 60 18.33 11.95 4.07
CA ASN B 60 18.45 13.22 4.77
C ASN B 60 17.73 13.20 6.11
N GLU B 61 16.53 12.62 6.15
CA GLU B 61 15.80 12.54 7.41
C GLU B 61 16.49 11.60 8.39
N THR B 62 17.08 10.51 7.88
CA THR B 62 17.81 9.59 8.77
C THR B 62 19.03 10.28 9.37
N ILE B 63 19.74 11.08 8.58
CA ILE B 63 20.92 11.77 9.08
C ILE B 63 20.52 12.84 10.08
N ARG B 64 19.43 13.57 9.80
CA ARG B 64 18.99 14.60 10.73
C ARG B 64 18.50 13.99 12.05
N THR B 65 17.94 12.79 12.00
CA THR B 65 17.58 12.10 13.25
C THR B 65 18.83 11.72 14.03
N LEU B 66 19.83 11.16 13.33
CA LEU B 66 21.08 10.81 13.99
C LEU B 66 21.79 12.05 14.54
N ALA B 67 21.60 13.20 13.90
CA ALA B 67 22.23 14.44 14.36
C ALA B 67 21.66 14.95 15.67
N ARG B 68 20.54 14.37 16.14
CA ARG B 68 20.03 14.72 17.46
C ARG B 68 20.88 14.11 18.57
N ILE B 69 21.72 13.13 18.25
CA ILE B 69 22.56 12.49 19.26
C ILE B 69 23.64 13.46 19.71
N ASP B 70 23.94 13.44 21.02
CA ASP B 70 24.96 14.31 21.58
C ASP B 70 26.27 14.13 20.83
N ARG B 71 26.94 15.25 20.57
CA ARG B 71 28.13 15.23 19.73
C ARG B 71 29.20 14.31 20.31
N ARG B 72 29.33 14.28 21.63
CA ARG B 72 30.36 13.43 22.25
C ARG B 72 30.13 11.97 21.90
N ILE B 73 28.87 11.56 21.81
CA ILE B 73 28.57 10.16 21.48
C ILE B 73 28.93 9.88 20.02
N LEU B 74 28.53 10.77 19.11
CA LEU B 74 28.85 10.59 17.70
C LEU B 74 30.37 10.55 17.49
N GLU B 75 31.10 11.42 18.19
CA GLU B 75 32.55 11.43 18.03
C GLU B 75 33.18 10.13 18.51
N GLN B 76 32.64 9.55 19.58
CA GLN B 76 33.16 8.27 20.06
C GLN B 76 32.82 7.13 19.10
N ALA B 77 31.64 7.17 18.51
CA ALA B 77 31.29 6.14 17.53
C ALA B 77 32.28 6.14 16.38
N ALA B 78 32.60 7.33 15.86
CA ALA B 78 33.54 7.41 14.76
C ALA B 78 34.95 7.01 15.17
N ASN B 79 35.35 7.35 16.39
CA ASN B 79 36.67 6.94 16.85
C ASN B 79 36.77 5.43 16.94
N HIS B 80 35.65 4.76 17.17
CA HIS B 80 35.57 3.31 17.21
C HIS B 80 35.29 2.68 15.85
N HIS B 81 35.31 3.47 14.78
CA HIS B 81 35.16 2.96 13.42
C HIS B 81 33.79 2.30 13.22
N ILE B 82 32.75 2.94 13.74
CA ILE B 82 31.38 2.51 13.50
C ILE B 82 30.85 3.27 12.30
N TYR B 83 30.22 2.54 11.37
CA TYR B 83 29.60 3.12 10.20
C TYR B 83 28.15 2.69 10.12
N ILE B 84 27.31 3.55 9.56
CA ILE B 84 25.89 3.29 9.39
C ILE B 84 25.63 3.35 7.89
N GLN B 85 25.45 2.19 7.27
CA GLN B 85 25.19 2.13 5.84
C GLN B 85 23.68 2.11 5.62
N LEU B 86 23.20 3.09 4.87
CA LEU B 86 21.79 3.17 4.47
C LEU B 86 21.61 2.43 3.15
N LEU B 87 20.64 1.53 3.10
CA LEU B 87 20.49 0.60 2.00
C LEU B 87 19.19 0.84 1.24
N THR B 88 19.19 0.41 -0.02
CA THR B 88 17.99 0.38 -0.85
C THR B 88 17.60 -1.06 -1.20
N ASN B 89 17.97 -2.00 -0.34
CA ASN B 89 17.75 -3.41 -0.59
C ASN B 89 17.73 -4.14 0.75
N PRO B 90 17.26 -5.39 0.78
CA PRO B 90 17.28 -6.15 2.05
C PRO B 90 18.69 -6.26 2.62
N ILE B 91 18.76 -6.29 3.95
CA ILE B 91 20.06 -6.33 4.61
C ILE B 91 20.81 -7.61 4.28
N THR B 92 20.07 -8.70 4.02
CA THR B 92 20.72 -9.99 3.76
C THR B 92 21.39 -10.04 2.40
N ASP B 93 21.22 -9.01 1.56
CA ASP B 93 22.00 -8.90 0.33
C ASP B 93 23.44 -8.43 0.58
N GLU B 94 23.72 -7.91 1.77
CA GLU B 94 25.05 -7.39 2.09
C GLU B 94 25.94 -8.50 2.65
N PRO B 95 27.24 -8.47 2.34
CA PRO B 95 28.11 -9.58 2.79
C PRO B 95 28.05 -9.86 4.28
N ILE B 96 27.91 -8.82 5.11
CA ILE B 96 27.97 -9.04 6.56
C ILE B 96 26.75 -9.83 7.04
N ALA B 97 25.64 -9.74 6.31
CA ALA B 97 24.40 -10.41 6.68
C ALA B 97 24.01 -11.51 5.69
N ARG B 98 24.91 -11.85 4.76
CA ARG B 98 24.62 -12.85 3.75
C ARG B 98 24.19 -14.19 4.36
N HIS B 99 24.87 -14.62 5.42
CA HIS B 99 24.61 -15.93 6.01
C HIS B 99 23.26 -16.04 6.70
N LEU B 100 22.54 -14.94 6.88
CA LEU B 100 21.29 -14.94 7.63
C LEU B 100 20.06 -15.21 6.77
N ARG B 101 20.21 -15.40 5.46
CA ARG B 101 19.04 -15.62 4.63
C ARG B 101 18.26 -16.83 5.10
N GLY B 102 16.94 -16.66 5.22
CA GLY B 102 16.05 -17.76 5.55
C GLY B 102 15.96 -18.12 7.00
N LYS B 103 16.64 -17.40 7.89
CA LYS B 103 16.70 -17.78 9.30
C LYS B 103 15.83 -16.86 10.13
N THR B 104 15.26 -17.41 11.19
CA THR B 104 14.44 -16.62 12.11
C THR B 104 15.35 -15.77 12.98
N PRO B 105 15.08 -14.46 13.11
CA PRO B 105 15.95 -13.64 13.96
C PRO B 105 15.89 -14.10 15.40
N ARG B 106 17.01 -13.91 16.11
CA ARG B 106 17.07 -14.23 17.52
C ARG B 106 16.02 -13.42 18.27
N GLY B 107 15.28 -14.08 19.15
CA GLY B 107 14.26 -13.44 19.93
C GLY B 107 12.90 -13.35 19.27
N TYR B 108 12.79 -13.68 17.99
CA TYR B 108 11.52 -13.74 17.30
C TYR B 108 10.92 -15.13 17.41
N VAL B 109 9.60 -15.22 17.39
CA VAL B 109 8.96 -16.53 17.41
C VAL B 109 9.17 -17.22 16.06
N PRO B 110 9.56 -18.49 16.03
CA PRO B 110 9.80 -19.16 14.75
C PRO B 110 8.58 -19.10 13.84
N GLY B 111 8.84 -18.88 12.54
CA GLY B 111 7.83 -18.86 11.52
C GLY B 111 7.12 -17.54 11.32
N SER B 112 7.48 -16.52 12.09
CA SER B 112 6.83 -15.22 11.98
C SER B 112 7.66 -14.21 11.21
N LYS B 113 8.89 -14.56 10.83
CA LYS B 113 9.81 -13.60 10.24
C LYS B 113 11.12 -14.27 9.84
N THR B 114 11.74 -13.79 8.77
CA THR B 114 13.10 -14.15 8.41
C THR B 114 13.96 -12.88 8.40
N TRP B 115 15.27 -13.07 8.48
CA TRP B 115 16.17 -11.92 8.46
C TRP B 115 16.01 -11.12 7.17
N ASP B 116 15.61 -11.78 6.07
CA ASP B 116 15.45 -11.07 4.81
C ASP B 116 14.42 -9.95 4.92
N GLU B 117 13.46 -10.09 5.84
CA GLU B 117 12.39 -9.13 6.03
C GLU B 117 12.69 -8.12 7.13
N VAL B 118 13.82 -8.22 7.82
CA VAL B 118 14.17 -7.32 8.90
C VAL B 118 14.89 -6.11 8.30
N PRO B 119 14.40 -4.88 8.52
CA PRO B 119 14.96 -3.73 7.80
C PRO B 119 16.20 -3.11 8.44
N GLY B 120 16.69 -3.64 9.55
CA GLY B 120 17.86 -3.09 10.18
C GLY B 120 18.55 -4.10 11.06
N ILE B 121 19.85 -3.92 11.23
CA ILE B 121 20.65 -4.77 12.11
C ILE B 121 21.76 -3.90 12.71
N GLY B 122 21.96 -4.04 14.02
CA GLY B 122 23.04 -3.37 14.71
C GLY B 122 23.77 -4.34 15.63
N GLY B 123 24.79 -3.81 16.29
CA GLY B 123 25.61 -4.59 17.20
C GLY B 123 27.05 -4.72 16.78
N ALA B 124 27.36 -4.54 15.50
CA ALA B 124 28.71 -4.65 15.00
C ALA B 124 29.20 -3.28 14.54
N HIS B 125 30.40 -3.25 13.95
CA HIS B 125 30.97 -1.98 13.52
C HIS B 125 30.27 -1.45 12.30
N LEU B 126 29.52 -2.29 11.58
CA LEU B 126 28.75 -1.88 10.41
C LEU B 126 27.28 -2.08 10.75
N VAL B 127 26.58 -0.98 10.99
CA VAL B 127 25.13 -0.97 11.15
C VAL B 127 24.50 -0.87 9.78
N LEU B 128 23.43 -1.64 9.56
CA LEU B 128 22.68 -1.60 8.32
C LEU B 128 21.26 -1.11 8.61
N VAL B 129 20.79 -0.16 7.81
CA VAL B 129 19.44 0.40 7.94
C VAL B 129 18.89 0.55 6.53
N ARG B 130 17.78 -0.13 6.25
CA ARG B 130 17.13 0.01 4.95
C ARG B 130 16.25 1.25 4.97
N LEU B 131 16.50 2.14 4.01
CA LEU B 131 15.75 3.40 3.95
C LEU B 131 14.27 3.13 3.70
N GLY B 132 13.44 4.05 4.18
CA GLY B 132 12.01 3.95 4.02
C GLY B 132 11.31 3.09 5.05
N HIS B 133 12.02 2.61 6.07
CA HIS B 133 11.45 1.77 7.11
C HIS B 133 11.68 2.37 8.49
N SER B 134 11.72 3.71 8.58
CA SER B 134 12.13 4.33 9.83
C SER B 134 11.06 4.23 10.90
N GLU B 135 9.80 4.47 10.53
CA GLU B 135 8.74 4.67 11.50
C GLU B 135 8.15 3.34 11.97
N LYS B 136 7.46 3.41 13.10
CA LYS B 136 6.96 2.19 13.73
C LYS B 136 6.02 1.43 12.81
N GLY B 137 6.18 0.12 12.76
CA GLY B 137 5.33 -0.75 11.98
C GLY B 137 5.84 -1.10 10.60
N LYS B 138 6.89 -0.44 10.13
CA LYS B 138 7.40 -0.67 8.78
C LYS B 138 8.42 -1.81 8.81
N GLY B 139 7.91 -3.00 9.10
CA GLY B 139 8.75 -4.17 9.22
C GLY B 139 9.37 -4.36 10.58
N HIS B 140 9.02 -3.52 11.57
CA HIS B 140 9.62 -3.58 12.89
C HIS B 140 8.68 -2.87 13.85
N GLY B 141 9.02 -2.91 15.14
CA GLY B 141 8.18 -2.34 16.17
C GLY B 141 8.83 -1.23 16.97
N SER B 142 9.94 -0.70 16.46
CA SER B 142 10.62 0.41 17.10
C SER B 142 10.01 1.74 16.65
N ILE B 143 10.10 2.74 17.52
CA ILE B 143 9.64 4.07 17.13
C ILE B 143 10.60 4.73 16.16
N ASN B 144 11.85 4.25 16.07
CA ASN B 144 12.79 4.80 15.11
C ASN B 144 13.87 3.76 14.83
N LEU B 145 13.88 3.24 13.60
CA LEU B 145 14.76 2.11 13.28
C LEU B 145 16.22 2.50 13.36
N GLU B 146 16.59 3.67 12.82
CA GLU B 146 18.01 4.00 12.72
C GLU B 146 18.62 4.26 14.10
N LEU B 147 17.87 4.90 15.00
CA LEU B 147 18.38 5.12 16.35
C LEU B 147 18.49 3.83 17.14
N HIS B 148 17.52 2.92 16.95
CA HIS B 148 17.55 1.65 17.66
C HIS B 148 18.75 0.82 17.22
N ALA B 149 18.93 0.66 15.91
CA ALA B 149 20.04 -0.15 15.40
C ALA B 149 21.39 0.46 15.79
N PHE B 150 21.53 1.78 15.65
CA PHE B 150 22.77 2.44 16.02
C PHE B 150 23.04 2.29 17.51
N ALA B 151 21.98 2.35 18.32
CA ALA B 151 22.16 2.21 19.76
C ALA B 151 22.71 0.84 20.14
N HIS B 152 22.42 -0.19 19.34
CA HIS B 152 22.98 -1.51 19.59
C HIS B 152 24.50 -1.49 19.44
N SER B 153 25.00 -0.89 18.37
CA SER B 153 26.44 -0.83 18.18
C SER B 153 27.11 0.08 19.20
N LEU B 154 26.45 1.18 19.57
CA LEU B 154 26.99 2.01 20.64
C LEU B 154 27.07 1.23 21.95
N ASP B 155 26.02 0.49 22.27
CA ASP B 155 26.00 -0.31 23.49
C ASP B 155 27.17 -1.29 23.50
N TYR B 156 27.34 -2.04 22.42
CA TYR B 156 28.28 -3.16 22.40
C TYR B 156 29.71 -2.70 22.25
N ILE B 157 29.95 -1.63 21.49
CA ILE B 157 31.28 -1.23 21.06
C ILE B 157 31.77 -0.01 21.83
N VAL B 158 30.99 1.06 21.85
CA VAL B 158 31.44 2.29 22.50
C VAL B 158 31.34 2.18 24.01
N PHE B 159 30.25 1.59 24.52
CA PHE B 159 30.00 1.55 25.96
C PHE B 159 30.23 0.18 26.57
N ASP B 160 30.90 -0.72 25.84
CA ASP B 160 31.39 -1.99 26.37
C ASP B 160 30.27 -2.78 27.05
N HIS B 161 29.22 -3.03 26.29
CA HIS B 161 28.08 -3.83 26.73
C HIS B 161 27.55 -3.32 28.07
N ILE B 162 27.22 -2.03 28.08
CA ILE B 162 26.78 -1.38 29.31
C ILE B 162 25.44 -1.91 29.78
N HIS B 163 24.69 -2.58 28.90
CA HIS B 163 23.40 -3.13 29.31
C HIS B 163 23.53 -4.25 30.34
N GLU B 164 24.73 -4.84 30.49
CA GLU B 164 24.95 -5.90 31.46
C GLU B 164 25.35 -5.39 32.84
N THR B 165 25.68 -4.10 32.97
CA THR B 165 26.08 -3.59 34.27
C THR B 165 24.94 -3.75 35.27
N ASP B 166 25.29 -3.87 36.55
CA ASP B 166 24.27 -3.96 37.59
C ASP B 166 23.37 -2.73 37.58
N GLU B 167 23.93 -1.56 37.29
CA GLU B 167 23.12 -0.35 37.23
C GLU B 167 21.99 -0.49 36.22
N PHE B 168 22.33 -0.84 34.98
CA PHE B 168 21.30 -0.92 33.95
C PHE B 168 20.36 -2.10 34.20
N GLN B 169 20.89 -3.21 34.71
CA GLN B 169 20.04 -4.37 34.98
C GLN B 169 18.96 -4.03 35.99
N ALA B 170 19.29 -3.23 37.01
CA ALA B 170 18.30 -2.90 38.03
C ALA B 170 17.19 -2.00 37.48
N LEU B 171 17.56 -0.93 36.78
CA LEU B 171 16.55 -0.06 36.21
C LEU B 171 15.76 -0.78 35.13
N TRP B 172 16.39 -1.71 34.42
CA TRP B 172 15.69 -2.46 33.38
C TRP B 172 14.59 -3.32 33.99
N ARG B 173 14.92 -4.03 35.09
CA ARG B 173 13.93 -4.85 35.76
C ARG B 173 12.80 -4.01 36.35
N GLU B 174 13.13 -2.81 36.86
CA GLU B 174 12.14 -2.01 37.57
C GLU B 174 11.23 -1.24 36.61
N GLU B 175 11.79 -0.72 35.51
CA GLU B 175 11.06 0.24 34.68
C GLU B 175 10.69 -0.27 33.30
N ALA B 176 11.33 -1.34 32.82
CA ALA B 176 10.89 -1.91 31.55
C ALA B 176 9.41 -2.30 31.58
N PRO B 177 8.88 -2.90 32.65
CA PRO B 177 7.44 -3.19 32.67
C PRO B 177 6.58 -1.94 32.67
N GLN B 178 7.13 -0.78 33.06
CA GLN B 178 6.36 0.45 33.09
C GLN B 178 6.26 1.11 31.72
N LEU B 179 7.28 0.98 30.88
CA LEU B 179 7.27 1.60 29.57
C LEU B 179 6.83 0.65 28.46
N PHE B 180 7.13 -0.64 28.59
CA PHE B 180 6.74 -1.65 27.61
C PHE B 180 6.04 -2.82 28.32
N PRO B 181 4.90 -2.55 28.94
CA PRO B 181 4.21 -3.61 29.71
C PRO B 181 3.81 -4.78 28.82
N ARG B 182 4.09 -5.99 29.30
CA ARG B 182 3.66 -7.20 28.61
C ARG B 182 4.23 -7.33 27.21
N GLU B 183 5.43 -6.78 26.99
CA GLU B 183 6.16 -6.94 25.74
C GLU B 183 7.38 -7.80 26.04
N TYR B 184 7.26 -9.11 25.74
CA TYR B 184 8.33 -10.03 26.09
C TYR B 184 9.68 -9.58 25.54
N PHE B 185 9.68 -8.94 24.37
CA PHE B 185 10.95 -8.63 23.71
C PHE B 185 11.79 -7.69 24.57
N PHE B 186 11.18 -6.64 25.09
CA PHE B 186 11.92 -5.68 25.90
C PHE B 186 12.08 -6.17 27.33
N LEU B 187 11.17 -7.02 27.81
CA LEU B 187 11.29 -7.57 29.15
C LEU B 187 12.23 -8.76 29.23
N THR B 188 12.68 -9.28 28.09
CA THR B 188 13.58 -10.43 28.03
C THR B 188 15.01 -10.06 27.68
N TYR B 189 15.21 -9.07 26.82
CA TYR B 189 16.53 -8.72 26.31
C TYR B 189 16.90 -7.32 26.77
N PRO B 190 17.77 -7.19 27.77
CA PRO B 190 18.10 -5.84 28.26
C PRO B 190 18.74 -4.98 27.21
N GLU B 191 19.52 -5.55 26.28
CA GLU B 191 20.11 -4.73 25.22
C GLU B 191 19.04 -4.16 24.30
N GLU B 192 17.90 -4.83 24.18
CA GLU B 192 16.80 -4.27 23.38
C GLU B 192 16.11 -3.13 24.13
N TYR B 193 15.98 -3.24 25.45
CA TYR B 193 15.45 -2.14 26.23
C TYR B 193 16.39 -0.93 26.14
N PHE B 194 17.71 -1.18 26.14
CA PHE B 194 18.65 -0.07 26.02
C PHE B 194 18.46 0.63 24.67
N ALA B 195 18.44 -0.13 23.58
CA ALA B 195 18.40 0.46 22.25
C ALA B 195 17.11 1.24 22.04
N GLU B 196 15.99 0.72 22.52
CA GLU B 196 14.72 1.40 22.32
C GLU B 196 14.57 2.60 23.23
N SER B 197 15.12 2.54 24.45
CA SER B 197 15.13 3.71 25.32
C SER B 197 15.98 4.82 24.72
N PHE B 198 17.14 4.44 24.14
CA PHE B 198 17.96 5.40 23.42
C PHE B 198 17.16 6.09 22.32
N ALA B 199 16.37 5.30 21.57
CA ALA B 199 15.56 5.86 20.50
C ALA B 199 14.49 6.80 21.04
N TYR B 200 13.85 6.42 22.15
CA TYR B 200 12.88 7.31 22.77
C TYR B 200 13.54 8.63 23.19
N TYR B 201 14.77 8.56 23.68
CA TYR B 201 15.42 9.76 24.19
C TYR B 201 15.74 10.74 23.06
N TYR B 202 16.13 10.22 21.90
CA TYR B 202 16.71 11.07 20.86
C TYR B 202 15.84 11.29 19.64
N VAL B 203 14.70 10.62 19.52
CA VAL B 203 13.89 10.80 18.32
C VAL B 203 13.15 12.14 18.34
N SER B 204 12.64 12.54 19.51
CA SER B 204 11.89 13.79 19.60
C SER B 204 11.75 14.20 21.06
N GLU B 205 11.39 15.47 21.25
CA GLU B 205 11.11 15.98 22.59
C GLU B 205 9.91 15.28 23.23
N LYS B 206 8.91 14.90 22.42
CA LYS B 206 7.74 14.23 22.97
C LYS B 206 8.12 12.89 23.58
N THR B 207 8.81 12.04 22.81
CA THR B 207 9.16 10.72 23.30
C THR B 207 10.20 10.80 24.41
N GLN B 208 11.08 11.79 24.36
CA GLN B 208 12.05 11.98 25.43
C GLN B 208 11.33 12.26 26.75
N GLU B 209 10.24 13.02 26.68
CA GLU B 209 9.42 13.29 27.87
C GLU B 209 8.63 12.07 28.29
N THR B 210 8.15 11.29 27.32
CA THR B 210 7.48 10.03 27.65
C THR B 210 8.42 9.12 28.43
N LEU B 211 9.67 9.02 27.97
CA LEU B 211 10.65 8.20 28.68
C LEU B 211 10.89 8.72 30.09
N ARG B 212 11.01 10.05 30.24
CA ARG B 212 11.30 10.61 31.56
C ARG B 212 10.15 10.37 32.53
N MET B 213 8.91 10.41 32.05
CA MET B 213 7.75 10.28 32.92
C MET B 213 7.51 8.82 33.31
N ALA B 214 7.64 7.89 32.36
CA ALA B 214 7.36 6.49 32.61
C ALA B 214 8.54 5.73 33.18
N ALA B 215 9.76 6.17 32.89
CA ALA B 215 10.98 5.46 33.29
C ALA B 215 12.06 6.48 33.62
N PRO B 216 11.89 7.23 34.72
CA PRO B 216 12.84 8.33 34.99
C PRO B 216 14.27 7.88 35.19
N ARG B 217 14.47 6.70 35.80
CA ARG B 217 15.82 6.17 35.99
C ARG B 217 16.46 5.82 34.65
N THR B 218 15.66 5.29 33.72
CA THR B 218 16.19 4.99 32.40
C THR B 218 16.54 6.27 31.64
N TYR B 219 15.67 7.27 31.73
CA TYR B 219 15.97 8.58 31.14
C TYR B 219 17.32 9.09 31.63
N THR B 220 17.53 9.08 32.95
CA THR B 220 18.80 9.56 33.49
C THR B 220 19.98 8.76 32.95
N PHE B 221 19.82 7.44 32.84
CA PHE B 221 20.91 6.61 32.35
C PHE B 221 21.31 7.01 30.93
N ILE B 222 20.32 7.13 30.04
CA ILE B 222 20.61 7.51 28.66
C ILE B 222 21.24 8.89 28.61
N ARG B 223 20.74 9.83 29.41
CA ARG B 223 21.30 11.18 29.42
C ARG B 223 22.76 11.17 29.81
N GLN B 224 23.14 10.31 30.76
CA GLN B 224 24.51 10.27 31.22
C GLN B 224 25.47 9.63 30.22
N LEU B 225 24.95 9.05 29.14
CA LEU B 225 25.83 8.43 28.14
C LEU B 225 26.75 9.47 27.51
N ALA B 226 26.24 10.68 27.27
CA ALA B 226 27.06 11.71 26.64
C ALA B 226 28.32 11.98 27.46
N GLU B 227 28.23 11.88 28.78
CA GLU B 227 29.42 12.01 29.62
C GLU B 227 30.24 10.73 29.58
N ARG B 228 29.59 9.59 29.38
CA ARG B 228 30.23 8.27 29.22
C ARG B 228 30.54 7.68 30.58
N HIS C 23 -12.63 -24.60 -9.46
CA HIS C 23 -12.90 -23.96 -8.17
C HIS C 23 -13.95 -22.87 -8.34
N GLY C 24 -14.54 -22.45 -7.23
CA GLY C 24 -15.58 -21.44 -7.25
C GLY C 24 -16.97 -22.03 -7.09
N VAL C 25 -17.90 -21.20 -6.65
CA VAL C 25 -19.27 -21.61 -6.44
C VAL C 25 -20.20 -20.65 -7.17
N LEU C 26 -21.25 -21.19 -7.79
CA LEU C 26 -22.25 -20.34 -8.42
C LEU C 26 -22.90 -19.48 -7.34
N LEU C 27 -23.23 -18.23 -7.70
CA LEU C 27 -23.74 -17.30 -6.70
C LEU C 27 -25.00 -17.82 -6.04
N GLU C 28 -25.90 -18.43 -6.80
CA GLU C 28 -27.15 -18.93 -6.22
C GLU C 28 -26.91 -20.10 -5.27
N GLU C 29 -25.78 -20.79 -5.39
CA GLU C 29 -25.43 -21.89 -4.52
C GLU C 29 -24.46 -21.49 -3.41
N SER C 30 -24.02 -20.24 -3.40
CA SER C 30 -23.09 -19.77 -2.38
C SER C 30 -23.84 -19.24 -1.15
N GLY C 31 -23.09 -18.95 -0.10
CA GLY C 31 -23.66 -18.41 1.12
C GLY C 31 -23.91 -16.92 1.12
N LEU C 32 -23.48 -16.21 0.07
CA LEU C 32 -23.66 -14.76 0.05
C LEU C 32 -25.13 -14.41 -0.04
N ASP C 33 -25.58 -13.49 0.82
CA ASP C 33 -26.94 -13.00 0.79
C ASP C 33 -27.04 -11.89 -0.26
N VAL C 34 -28.02 -12.00 -1.15
CA VAL C 34 -28.14 -11.09 -2.28
C VAL C 34 -29.61 -10.80 -2.56
N GLN C 35 -30.46 -11.09 -1.58
CA GLN C 35 -31.90 -10.95 -1.80
C GLN C 35 -32.28 -9.50 -2.09
N THR C 36 -31.53 -8.54 -1.55
CA THR C 36 -31.83 -7.14 -1.75
C THR C 36 -31.26 -6.57 -3.04
N ILE C 37 -30.48 -7.36 -3.79
CA ILE C 37 -29.83 -6.88 -5.01
C ILE C 37 -30.76 -7.04 -6.21
N PRO C 38 -30.96 -6.01 -7.03
CA PRO C 38 -31.81 -6.16 -8.21
C PRO C 38 -31.30 -7.27 -9.13
N SER C 39 -32.25 -7.99 -9.72
CA SER C 39 -31.95 -9.05 -10.69
C SER C 39 -31.04 -10.12 -10.11
N HIS C 40 -31.13 -10.37 -8.80
CA HIS C 40 -30.23 -11.35 -8.19
C HIS C 40 -30.53 -12.76 -8.67
N ASP C 41 -31.74 -13.01 -9.16
CA ASP C 41 -32.08 -14.33 -9.69
C ASP C 41 -31.33 -14.63 -10.98
N VAL C 42 -31.14 -13.63 -11.84
CA VAL C 42 -30.41 -13.85 -13.08
C VAL C 42 -28.91 -13.83 -12.83
N LEU C 43 -28.44 -12.92 -11.98
CA LEU C 43 -27.02 -12.90 -11.62
C LEU C 43 -26.62 -14.17 -10.87
N GLY C 44 -27.55 -14.83 -10.20
CA GLY C 44 -27.23 -16.03 -9.43
C GLY C 44 -26.68 -17.18 -10.25
N ARG C 45 -26.98 -17.24 -11.55
CA ARG C 45 -26.47 -18.26 -12.46
C ARG C 45 -25.35 -17.76 -13.37
N ILE C 46 -25.02 -16.47 -13.29
CA ILE C 46 -23.93 -15.92 -14.09
C ILE C 46 -22.65 -15.78 -13.28
N VAL C 47 -22.76 -15.29 -12.04
CA VAL C 47 -21.60 -14.96 -11.23
C VAL C 47 -21.14 -16.20 -10.48
N ILE C 48 -19.84 -16.40 -10.43
CA ILE C 48 -19.21 -17.44 -9.64
C ILE C 48 -18.32 -16.73 -8.63
N VAL C 49 -18.56 -16.97 -7.35
CA VAL C 49 -17.82 -16.27 -6.30
C VAL C 49 -16.81 -17.22 -5.67
N PRO C 50 -15.77 -16.72 -5.01
CA PRO C 50 -14.82 -17.61 -4.34
C PRO C 50 -15.48 -18.42 -3.25
N GLU C 51 -14.82 -19.53 -2.90
CA GLU C 51 -15.28 -20.40 -1.82
C GLU C 51 -14.98 -19.82 -0.45
N THR C 52 -14.17 -18.79 -0.35
CA THR C 52 -13.78 -18.22 0.94
C THR C 52 -14.59 -16.97 1.19
N ASP C 53 -15.06 -16.82 2.43
CA ASP C 53 -15.85 -15.65 2.80
C ASP C 53 -14.98 -14.48 3.25
N PHE C 54 -13.70 -14.48 2.87
CA PHE C 54 -12.87 -13.30 3.01
C PHE C 54 -12.96 -12.43 1.77
N SER C 55 -13.63 -12.92 0.74
CA SER C 55 -13.82 -12.20 -0.51
C SER C 55 -15.23 -11.64 -0.67
N PHE C 56 -16.12 -11.88 0.30
CA PHE C 56 -17.53 -11.54 0.08
C PHE C 56 -17.78 -10.02 0.04
N ASP C 57 -16.97 -9.21 0.73
CA ASP C 57 -17.20 -7.77 0.67
C ASP C 57 -16.99 -7.25 -0.75
N GLU C 58 -15.83 -7.56 -1.34
CA GLU C 58 -15.54 -7.14 -2.71
C GLU C 58 -16.45 -7.84 -3.71
N ALA C 59 -16.79 -9.10 -3.46
CA ALA C 59 -17.69 -9.80 -4.38
C ALA C 59 -19.07 -9.15 -4.34
N ASN C 60 -19.51 -8.72 -3.16
CA ASN C 60 -20.83 -8.12 -3.03
C ASN C 60 -20.89 -6.78 -3.77
N GLU C 61 -19.83 -5.97 -3.67
CA GLU C 61 -19.82 -4.70 -4.37
C GLU C 61 -19.75 -4.90 -5.87
N THR C 62 -19.04 -5.93 -6.32
CA THR C 62 -18.97 -6.23 -7.75
C THR C 62 -20.33 -6.68 -8.27
N ILE C 63 -21.05 -7.49 -7.48
CA ILE C 63 -22.34 -7.99 -7.92
C ILE C 63 -23.36 -6.86 -7.96
N ARG C 64 -23.30 -5.95 -6.98
CA ARG C 64 -24.22 -4.82 -6.96
C ARG C 64 -23.97 -3.88 -8.12
N THR C 65 -22.72 -3.78 -8.58
CA THR C 65 -22.42 -3.00 -9.78
C THR C 65 -23.01 -3.67 -11.02
N LEU C 66 -22.85 -5.00 -11.13
CA LEU C 66 -23.42 -5.72 -12.27
C LEU C 66 -24.95 -5.62 -12.29
N ALA C 67 -25.57 -5.51 -11.12
CA ALA C 67 -27.03 -5.43 -11.06
C ALA C 67 -27.59 -4.13 -11.62
N ARG C 68 -26.74 -3.14 -11.89
CA ARG C 68 -27.20 -1.93 -12.54
C ARG C 68 -27.47 -2.14 -14.02
N ILE C 69 -26.98 -3.24 -14.59
CA ILE C 69 -27.22 -3.54 -16.00
C ILE C 69 -28.68 -3.93 -16.19
N ASP C 70 -29.28 -3.43 -17.27
CA ASP C 70 -30.67 -3.73 -17.56
CA ASP C 70 -30.68 -3.73 -17.54
C ASP C 70 -30.91 -5.24 -17.51
N ARG C 71 -32.01 -5.63 -16.87
CA ARG C 71 -32.31 -7.04 -16.68
C ARG C 71 -32.39 -7.78 -18.01
N ARG C 72 -32.87 -7.14 -19.08
CA ARG C 72 -32.94 -7.80 -20.38
C ARG C 72 -31.56 -8.23 -20.85
N ILE C 73 -30.54 -7.42 -20.57
CA ILE C 73 -29.18 -7.76 -20.99
C ILE C 73 -28.65 -8.93 -20.17
N LEU C 74 -28.84 -8.88 -18.85
CA LEU C 74 -28.39 -9.97 -17.98
C LEU C 74 -29.06 -11.29 -18.39
N GLU C 75 -30.35 -11.25 -18.72
CA GLU C 75 -31.05 -12.47 -19.10
C GLU C 75 -30.48 -13.06 -20.38
N GLN C 76 -30.11 -12.21 -21.33
CA GLN C 76 -29.46 -12.72 -22.54
C GLN C 76 -28.09 -13.30 -22.25
N ALA C 77 -27.35 -12.70 -21.31
CA ALA C 77 -26.06 -13.25 -20.92
C ALA C 77 -26.21 -14.66 -20.36
N ALA C 78 -27.20 -14.86 -19.48
CA ALA C 78 -27.43 -16.18 -18.92
C ALA C 78 -27.88 -17.16 -20.00
N ASN C 79 -28.67 -16.67 -20.97
CA ASN C 79 -29.12 -17.52 -22.06
C ASN C 79 -27.96 -17.97 -22.95
N HIS C 80 -26.94 -17.13 -23.10
CA HIS C 80 -25.75 -17.49 -23.85
C HIS C 80 -24.71 -18.20 -22.99
N HIS C 81 -25.04 -18.50 -21.74
CA HIS C 81 -24.17 -19.26 -20.86
C HIS C 81 -22.84 -18.53 -20.65
N ILE C 82 -22.93 -17.23 -20.42
CA ILE C 82 -21.78 -16.43 -20.02
C ILE C 82 -21.72 -16.43 -18.50
N TYR C 83 -20.53 -16.66 -17.96
CA TYR C 83 -20.29 -16.66 -16.53
C TYR C 83 -19.21 -15.65 -16.21
N ILE C 84 -19.31 -15.05 -15.03
CA ILE C 84 -18.35 -14.06 -14.55
C ILE C 84 -17.78 -14.64 -13.27
N GLN C 85 -16.53 -15.12 -13.34
CA GLN C 85 -15.88 -15.71 -12.17
C GLN C 85 -15.06 -14.64 -11.48
N LEU C 86 -15.37 -14.41 -10.20
CA LEU C 86 -14.60 -13.49 -9.36
C LEU C 86 -13.48 -14.26 -8.67
N LEU C 87 -12.27 -13.73 -8.76
CA LEU C 87 -11.07 -14.45 -8.36
C LEU C 87 -10.38 -13.74 -7.20
N THR C 88 -9.60 -14.52 -6.44
CA THR C 88 -8.70 -14.00 -5.42
C THR C 88 -7.25 -14.23 -5.80
N ASN C 89 -6.97 -14.35 -7.09
CA ASN C 89 -5.64 -14.69 -7.57
C ASN C 89 -5.49 -14.16 -8.99
N PRO C 90 -4.28 -14.12 -9.53
CA PRO C 90 -4.10 -13.65 -10.91
C PRO C 90 -4.92 -14.47 -11.89
N ILE C 91 -5.36 -13.80 -12.95
CA ILE C 91 -6.20 -14.46 -13.94
C ILE C 91 -5.44 -15.57 -14.64
N THR C 92 -4.10 -15.45 -14.71
CA THR C 92 -3.29 -16.44 -15.40
C THR C 92 -3.17 -17.76 -14.63
N ASP C 93 -3.69 -17.84 -13.41
CA ASP C 93 -3.79 -19.13 -12.72
C ASP C 93 -4.94 -19.98 -13.24
N GLU C 94 -5.87 -19.40 -13.98
CA GLU C 94 -7.04 -20.12 -14.45
C GLU C 94 -6.78 -20.77 -15.79
N PRO C 95 -7.35 -21.96 -16.03
CA PRO C 95 -7.06 -22.67 -17.28
C PRO C 95 -7.31 -21.84 -18.54
N ILE C 96 -8.32 -20.98 -18.54
CA ILE C 96 -8.65 -20.27 -19.77
C ILE C 96 -7.57 -19.24 -20.13
N ALA C 97 -6.87 -18.71 -19.13
CA ALA C 97 -5.83 -17.71 -19.38
C ALA C 97 -4.43 -18.20 -19.00
N ARG C 98 -4.28 -19.48 -18.66
CA ARG C 98 -2.97 -19.97 -18.24
C ARG C 98 -1.91 -19.73 -19.31
N HIS C 99 -2.27 -19.92 -20.57
CA HIS C 99 -1.30 -19.81 -21.66
C HIS C 99 -0.80 -18.39 -21.86
N LEU C 100 -1.42 -17.39 -21.22
CA LEU C 100 -1.06 -16.00 -21.40
C LEU C 100 -0.01 -15.53 -20.40
N ARG C 101 0.36 -16.36 -19.44
CA ARG C 101 1.30 -15.96 -18.40
C ARG C 101 2.63 -15.51 -19.01
N GLY C 102 3.15 -14.40 -18.50
CA GLY C 102 4.44 -13.89 -18.91
C GLY C 102 4.46 -13.09 -20.19
N LYS C 103 3.31 -12.87 -20.81
CA LYS C 103 3.24 -12.19 -22.10
C LYS C 103 2.65 -10.80 -21.95
N THR C 104 3.10 -9.90 -22.81
CA THR C 104 2.53 -8.55 -22.84
C THR C 104 1.15 -8.62 -23.49
N PRO C 105 0.12 -8.06 -22.86
CA PRO C 105 -1.21 -8.12 -23.48
C PRO C 105 -1.26 -7.40 -24.83
N ARG C 106 -2.14 -7.89 -25.69
CA ARG C 106 -2.35 -7.25 -26.98
C ARG C 106 -2.82 -5.82 -26.79
N GLY C 107 -2.24 -4.91 -27.56
CA GLY C 107 -2.58 -3.51 -27.48
C GLY C 107 -1.81 -2.71 -26.46
N TYR C 108 -1.05 -3.38 -25.58
CA TYR C 108 -0.17 -2.70 -24.64
C TYR C 108 1.20 -2.52 -25.28
N VAL C 109 1.94 -1.52 -24.80
CA VAL C 109 3.30 -1.33 -25.30
CA VAL C 109 3.31 -1.33 -25.29
C VAL C 109 4.19 -2.46 -24.78
N PRO C 110 5.07 -3.03 -25.60
CA PRO C 110 5.84 -4.20 -25.13
C PRO C 110 6.67 -3.90 -23.90
N GLY C 111 6.66 -4.85 -22.96
CA GLY C 111 7.47 -4.73 -21.77
C GLY C 111 6.88 -3.90 -20.65
N SER C 112 5.65 -3.42 -20.80
CA SER C 112 5.04 -2.54 -19.80
C SER C 112 4.07 -3.28 -18.88
N LYS C 113 3.83 -4.57 -19.12
CA LYS C 113 2.80 -5.30 -18.41
C LYS C 113 2.83 -6.77 -18.84
N THR C 114 2.48 -7.67 -17.95
CA THR C 114 2.21 -9.06 -18.31
C THR C 114 0.76 -9.36 -17.97
N TRP C 115 0.24 -10.42 -18.61
CA TRP C 115 -1.14 -10.82 -18.32
C TRP C 115 -1.33 -11.15 -16.85
N ASP C 116 -0.28 -11.63 -16.18
CA ASP C 116 -0.41 -11.95 -14.77
C ASP C 116 -0.77 -10.73 -13.94
N GLU C 117 -0.38 -9.55 -14.42
CA GLU C 117 -0.63 -8.29 -13.71
C GLU C 117 -1.92 -7.63 -14.17
N VAL C 118 -2.61 -8.20 -15.15
CA VAL C 118 -3.87 -7.67 -15.65
C VAL C 118 -5.00 -8.25 -14.80
N PRO C 119 -5.82 -7.43 -14.14
CA PRO C 119 -6.79 -7.98 -13.18
C PRO C 119 -8.09 -8.46 -13.79
N GLY C 120 -8.28 -8.36 -15.09
CA GLY C 120 -9.53 -8.82 -15.70
C GLY C 120 -9.35 -9.14 -17.16
N ILE C 121 -10.19 -10.05 -17.66
CA ILE C 121 -10.19 -10.37 -19.08
C ILE C 121 -11.62 -10.75 -19.48
N GLY C 122 -12.06 -10.22 -20.61
CA GLY C 122 -13.37 -10.54 -21.15
C GLY C 122 -13.28 -10.85 -22.63
N GLY C 123 -14.45 -11.14 -23.20
CA GLY C 123 -14.58 -11.46 -24.61
C GLY C 123 -15.05 -12.88 -24.88
N ALA C 124 -14.90 -13.79 -23.93
CA ALA C 124 -15.30 -15.17 -24.10
C ALA C 124 -16.47 -15.49 -23.17
N HIS C 125 -16.85 -16.77 -23.12
CA HIS C 125 -17.98 -17.16 -22.30
C HIS C 125 -17.63 -17.17 -20.81
N LEU C 126 -16.35 -17.13 -20.46
CA LEU C 126 -15.92 -17.04 -19.08
C LEU C 126 -15.15 -15.73 -18.93
N VAL C 127 -15.76 -14.75 -18.28
CA VAL C 127 -15.11 -13.51 -17.89
C VAL C 127 -14.43 -13.73 -16.55
N LEU C 128 -13.20 -13.23 -16.41
CA LEU C 128 -12.46 -13.33 -15.16
C LEU C 128 -12.22 -11.93 -14.62
N VAL C 129 -12.50 -11.74 -13.33
CA VAL C 129 -12.32 -10.46 -12.65
C VAL C 129 -11.72 -10.74 -11.28
N ARG C 130 -10.55 -10.18 -11.01
CA ARG C 130 -9.92 -10.33 -9.70
C ARG C 130 -10.51 -9.30 -8.76
N LEU C 131 -11.05 -9.77 -7.63
CA LEU C 131 -11.66 -8.87 -6.67
C LEU C 131 -10.65 -7.89 -6.10
N GLY C 132 -11.15 -6.71 -5.71
CA GLY C 132 -10.32 -5.68 -5.13
C GLY C 132 -9.64 -4.78 -6.13
N HIS C 133 -9.91 -4.94 -7.42
CA HIS C 133 -9.29 -4.12 -8.46
C HIS C 133 -10.33 -3.41 -9.31
N SER C 134 -11.47 -3.04 -8.72
CA SER C 134 -12.57 -2.52 -9.52
C SER C 134 -12.28 -1.12 -10.03
N GLU C 135 -11.77 -0.24 -9.16
CA GLU C 135 -11.71 1.17 -9.47
C GLU C 135 -10.50 1.52 -10.33
N LYS C 136 -10.56 2.70 -10.94
CA LYS C 136 -9.54 3.14 -11.88
C LYS C 136 -8.17 3.23 -11.22
N GLY C 137 -7.17 2.72 -11.93
CA GLY C 137 -5.80 2.76 -11.48
C GLY C 137 -5.32 1.52 -10.76
N LYS C 138 -6.22 0.61 -10.41
CA LYS C 138 -5.86 -0.59 -9.66
C LYS C 138 -5.47 -1.70 -10.62
N GLY C 139 -4.34 -1.48 -11.29
CA GLY C 139 -3.85 -2.39 -12.30
C GLY C 139 -4.44 -2.20 -13.68
N HIS C 140 -5.28 -1.18 -13.87
CA HIS C 140 -5.97 -0.97 -15.14
C HIS C 140 -6.43 0.48 -15.18
N GLY C 141 -6.94 0.89 -16.34
CA GLY C 141 -7.33 2.27 -16.53
C GLY C 141 -8.81 2.47 -16.81
N SER C 142 -9.60 1.44 -16.54
CA SER C 142 -11.03 1.54 -16.73
C SER C 142 -11.68 2.21 -15.51
N ILE C 143 -12.84 2.81 -15.75
CA ILE C 143 -13.63 3.38 -14.66
C ILE C 143 -14.25 2.30 -13.80
N ASN C 144 -14.44 1.10 -14.34
CA ASN C 144 -15.00 -0.01 -13.57
C ASN C 144 -14.59 -1.31 -14.26
N LEU C 145 -13.77 -2.12 -13.58
CA LEU C 145 -13.18 -3.29 -14.22
C LEU C 145 -14.24 -4.32 -14.59
N GLU C 146 -15.16 -4.62 -13.68
CA GLU C 146 -16.10 -5.72 -13.91
C GLU C 146 -17.07 -5.39 -15.05
N LEU C 147 -17.48 -4.12 -15.16
CA LEU C 147 -18.37 -3.74 -16.25
C LEU C 147 -17.62 -3.75 -17.58
N HIS C 148 -16.36 -3.31 -17.58
CA HIS C 148 -15.60 -3.30 -18.83
C HIS C 148 -15.39 -4.72 -19.36
N ALA C 149 -14.93 -5.63 -18.48
CA ALA C 149 -14.68 -7.00 -18.91
C ALA C 149 -15.96 -7.71 -19.33
N PHE C 150 -17.03 -7.53 -18.57
CA PHE C 150 -18.31 -8.15 -18.92
C PHE C 150 -18.83 -7.60 -20.24
N ALA C 151 -18.65 -6.30 -20.47
CA ALA C 151 -19.09 -5.71 -21.73
C ALA C 151 -18.36 -6.31 -22.91
N HIS C 152 -17.10 -6.72 -22.70
CA HIS C 152 -16.34 -7.35 -23.77
CA HIS C 152 -16.32 -7.38 -23.75
C HIS C 152 -17.04 -8.62 -24.24
N SER C 153 -17.55 -9.44 -23.31
CA SER C 153 -18.23 -10.68 -23.69
C SER C 153 -19.61 -10.40 -24.26
N LEU C 154 -20.30 -9.38 -23.74
CA LEU C 154 -21.59 -9.00 -24.33
C LEU C 154 -21.41 -8.58 -25.78
N ASP C 155 -20.38 -7.78 -26.06
CA ASP C 155 -20.13 -7.34 -27.43
C ASP C 155 -19.96 -8.52 -28.37
N TYR C 156 -19.09 -9.46 -28.00
CA TYR C 156 -18.72 -10.53 -28.92
C TYR C 156 -19.79 -11.63 -29.00
N ILE C 157 -20.48 -11.91 -27.90
CA ILE C 157 -21.33 -13.09 -27.80
C ILE C 157 -22.80 -12.74 -27.91
N VAL C 158 -23.29 -11.82 -27.06
CA VAL C 158 -24.72 -11.52 -27.05
C VAL C 158 -25.09 -10.68 -28.27
N PHE C 159 -24.25 -9.71 -28.63
CA PHE C 159 -24.55 -8.80 -29.73
C PHE C 159 -23.73 -9.08 -30.97
N ASP C 160 -23.12 -10.26 -31.05
CA ASP C 160 -22.49 -10.78 -32.26
C ASP C 160 -21.51 -9.76 -32.86
N HIS C 161 -20.52 -9.40 -32.05
CA HIS C 161 -19.48 -8.45 -32.43
C HIS C 161 -20.09 -7.14 -32.95
N ILE C 162 -20.93 -6.55 -32.10
CA ILE C 162 -21.63 -5.33 -32.51
C ILE C 162 -20.67 -4.17 -32.68
N HIS C 163 -19.45 -4.25 -32.15
CA HIS C 163 -18.49 -3.18 -32.36
C HIS C 163 -18.07 -3.07 -33.82
N GLU C 164 -18.34 -4.09 -34.64
CA GLU C 164 -18.01 -4.05 -36.06
C GLU C 164 -19.12 -3.45 -36.91
N THR C 165 -20.30 -3.21 -36.35
CA THR C 165 -21.40 -2.66 -37.14
C THR C 165 -21.01 -1.28 -37.69
N ASP C 166 -21.63 -0.93 -38.81
CA ASP C 166 -21.38 0.37 -39.42
C ASP C 166 -21.72 1.50 -38.49
N GLU C 167 -22.83 1.37 -37.76
CA GLU C 167 -23.27 2.43 -36.86
C GLU C 167 -22.22 2.70 -35.79
N PHE C 168 -21.74 1.65 -35.12
CA PHE C 168 -20.79 1.87 -34.04
C PHE C 168 -19.46 2.38 -34.55
N GLN C 169 -19.01 1.89 -35.71
CA GLN C 169 -17.73 2.34 -36.26
C GLN C 169 -17.75 3.84 -36.57
N ALA C 170 -18.87 4.35 -37.06
CA ALA C 170 -18.95 5.77 -37.38
C ALA C 170 -18.96 6.62 -36.11
N LEU C 171 -19.79 6.27 -35.14
CA LEU C 171 -19.82 7.03 -33.89
C LEU C 171 -18.50 6.91 -33.14
N TRP C 172 -17.82 5.77 -33.27
CA TRP C 172 -16.55 5.59 -32.58
C TRP C 172 -15.50 6.55 -33.11
N ARG C 173 -15.41 6.68 -34.44
CA ARG C 173 -14.46 7.61 -35.02
C ARG C 173 -14.77 9.04 -34.64
N GLU C 174 -16.06 9.38 -34.52
CA GLU C 174 -16.44 10.78 -34.30
C GLU C 174 -16.27 11.20 -32.85
N GLU C 175 -16.61 10.31 -31.90
CA GLU C 175 -16.74 10.71 -30.50
C GLU C 175 -15.69 10.12 -29.57
N ALA C 176 -14.97 9.08 -29.98
CA ALA C 176 -13.87 8.60 -29.15
C ALA C 176 -12.86 9.69 -28.86
N PRO C 177 -12.45 10.54 -29.82
CA PRO C 177 -11.54 11.64 -29.47
C PRO C 177 -12.16 12.67 -28.54
N GLN C 178 -13.48 12.74 -28.43
CA GLN C 178 -14.09 13.71 -27.53
C GLN C 178 -14.13 13.21 -26.09
N LEU C 179 -14.27 11.90 -25.89
CA LEU C 179 -14.37 11.34 -24.55
C LEU C 179 -13.03 10.85 -24.01
N PHE C 180 -12.15 10.37 -24.90
CA PHE C 180 -10.83 9.87 -24.52
C PHE C 180 -9.79 10.52 -25.43
N PRO C 181 -9.62 11.84 -25.34
CA PRO C 181 -8.69 12.52 -26.24
C PRO C 181 -7.27 12.00 -26.09
N ARG C 182 -6.65 11.72 -27.24
CA ARG C 182 -5.23 11.31 -27.31
C ARG C 182 -4.95 10.06 -26.48
N GLU C 183 -5.93 9.17 -26.38
CA GLU C 183 -5.77 7.88 -25.70
C GLU C 183 -5.75 6.81 -26.80
N TYR C 184 -4.54 6.41 -27.21
CA TYR C 184 -4.40 5.50 -28.34
C TYR C 184 -5.23 4.24 -28.17
N PHE C 185 -5.37 3.76 -26.93
CA PHE C 185 -6.01 2.47 -26.72
C PHE C 185 -7.47 2.51 -27.18
N PHE C 186 -8.19 3.56 -26.81
CA PHE C 186 -9.59 3.66 -27.21
C PHE C 186 -9.73 4.17 -28.63
N LEU C 187 -8.74 4.92 -29.12
CA LEU C 187 -8.77 5.40 -30.50
C LEU C 187 -8.31 4.35 -31.49
N THR C 188 -7.77 3.22 -31.02
CA THR C 188 -7.28 2.16 -31.89
C THR C 188 -8.20 0.95 -31.93
N TYR C 189 -8.81 0.58 -30.80
CA TYR C 189 -9.59 -0.66 -30.70
C TYR C 189 -11.05 -0.33 -30.43
N PRO C 190 -11.93 -0.44 -31.42
CA PRO C 190 -13.33 -0.08 -31.18
C PRO C 190 -14.02 -0.94 -30.13
N GLU C 191 -13.65 -2.22 -30.01
CA GLU C 191 -14.26 -3.04 -28.98
C GLU C 191 -13.89 -2.53 -27.59
N GLU C 192 -12.73 -1.88 -27.46
CA GLU C 192 -12.36 -1.29 -26.18
C GLU C 192 -13.16 -0.02 -25.91
N TYR C 193 -13.44 0.77 -26.96
CA TYR C 193 -14.32 1.91 -26.79
C TYR C 193 -15.71 1.47 -26.40
N PHE C 194 -16.18 0.36 -26.97
CA PHE C 194 -17.50 -0.16 -26.61
C PHE C 194 -17.55 -0.53 -25.14
N ALA C 195 -16.57 -1.29 -24.67
CA ALA C 195 -16.61 -1.81 -23.31
C ALA C 195 -16.53 -0.67 -22.30
N GLU C 196 -15.70 0.35 -22.58
CA GLU C 196 -15.55 1.45 -21.64
C GLU C 196 -16.74 2.39 -21.67
N SER C 197 -17.37 2.58 -22.84
CA SER C 197 -18.60 3.35 -22.87
C SER C 197 -19.71 2.64 -22.12
N PHE C 198 -19.78 1.30 -22.25
CA PHE C 198 -20.74 0.53 -21.47
C PHE C 198 -20.53 0.74 -19.98
N ALA C 199 -19.27 0.73 -19.53
CA ALA C 199 -19.00 0.94 -18.11
C ALA C 199 -19.40 2.34 -17.66
N TYR C 200 -19.14 3.36 -18.49
CA TYR C 200 -19.57 4.71 -18.14
C TYR C 200 -21.09 4.77 -17.99
N TYR C 201 -21.80 4.07 -18.86
CA TYR C 201 -23.26 4.14 -18.85
C TYR C 201 -23.84 3.49 -17.60
N TYR C 202 -23.23 2.40 -17.12
CA TYR C 202 -23.86 1.60 -16.08
C TYR C 202 -23.19 1.70 -14.71
N VAL C 203 -22.02 2.34 -14.60
CA VAL C 203 -21.34 2.38 -13.31
C VAL C 203 -22.06 3.32 -12.35
N SER C 204 -22.58 4.45 -12.86
CA SER C 204 -23.25 5.38 -11.98
C SER C 204 -24.11 6.33 -12.79
N GLU C 205 -25.05 6.96 -12.09
CA GLU C 205 -25.90 7.99 -12.70
C GLU C 205 -25.08 9.18 -13.18
N LYS C 206 -24.01 9.50 -12.45
CA LYS C 206 -23.16 10.62 -12.84
C LYS C 206 -22.45 10.36 -14.16
N THR C 207 -21.77 9.21 -14.27
CA THR C 207 -20.99 8.91 -15.47
C THR C 207 -21.88 8.66 -16.67
N GLN C 208 -23.09 8.15 -16.48
CA GLN C 208 -24.02 8.02 -17.59
C GLN C 208 -24.35 9.39 -18.17
N GLU C 209 -24.42 10.41 -17.33
CA GLU C 209 -24.64 11.77 -17.81
C GLU C 209 -23.39 12.32 -18.49
N THR C 210 -22.21 12.01 -17.94
CA THR C 210 -20.98 12.43 -18.60
C THR C 210 -20.93 11.88 -20.03
N LEU C 211 -21.29 10.61 -20.20
CA LEU C 211 -21.30 10.00 -21.52
C LEU C 211 -22.31 10.69 -22.45
N ARG C 212 -23.49 11.02 -21.92
CA ARG C 212 -24.51 11.64 -22.76
C ARG C 212 -24.06 13.01 -23.26
N MET C 213 -23.35 13.76 -22.43
CA MET C 213 -22.98 15.13 -22.77
C MET C 213 -21.78 15.16 -23.72
N ALA C 214 -20.78 14.31 -23.47
CA ALA C 214 -19.55 14.32 -24.25
C ALA C 214 -19.64 13.46 -25.51
N ALA C 215 -20.48 12.42 -25.49
CA ALA C 215 -20.56 11.48 -26.60
C ALA C 215 -22.02 11.02 -26.75
N PRO C 216 -22.89 11.92 -27.21
CA PRO C 216 -24.32 11.59 -27.24
C PRO C 216 -24.67 10.43 -28.16
N ARG C 217 -23.98 10.26 -29.29
CA ARG C 217 -24.26 9.13 -30.16
C ARG C 217 -23.87 7.82 -29.48
N THR C 218 -22.76 7.81 -28.75
CA THR C 218 -22.35 6.61 -28.04
C THR C 218 -23.32 6.28 -26.91
N TYR C 219 -23.76 7.30 -26.17
CA TYR C 219 -24.79 7.09 -25.15
C TYR C 219 -26.02 6.42 -25.74
N THR C 220 -26.51 6.97 -26.86
CA THR C 220 -27.71 6.39 -27.50
C THR C 220 -27.47 4.94 -27.90
N PHE C 221 -26.28 4.64 -28.42
CA PHE C 221 -25.98 3.27 -28.83
C PHE C 221 -26.04 2.31 -27.65
N ILE C 222 -25.38 2.67 -26.54
CA ILE C 222 -25.41 1.81 -25.35
C ILE C 222 -26.84 1.67 -24.85
N ARG C 223 -27.59 2.76 -24.84
CA ARG C 223 -28.98 2.71 -24.37
C ARG C 223 -29.80 1.75 -25.20
N GLN C 224 -29.56 1.69 -26.51
CA GLN C 224 -30.35 0.85 -27.40
C GLN C 224 -30.05 -0.63 -27.22
N LEU C 225 -29.00 -0.98 -26.48
CA LEU C 225 -28.66 -2.39 -26.30
C LEU C 225 -29.76 -3.14 -25.56
N ALA C 226 -30.39 -2.51 -24.57
CA ALA C 226 -31.43 -3.19 -23.80
C ALA C 226 -32.57 -3.64 -24.71
N GLU C 227 -32.90 -2.86 -25.74
CA GLU C 227 -33.92 -3.28 -26.68
C GLU C 227 -33.39 -4.31 -27.67
N ARG C 228 -32.11 -4.21 -28.05
CA ARG C 228 -31.51 -5.20 -28.93
C ARG C 228 -31.28 -6.54 -28.24
N ALA C 229 -31.56 -6.64 -26.94
CA ALA C 229 -31.38 -7.89 -26.20
C ALA C 229 -32.70 -8.63 -26.02
N LEU D 14 -16.97 -37.57 21.72
CA LEU D 14 -18.11 -36.92 21.09
C LEU D 14 -17.93 -36.80 19.59
N VAL D 15 -18.96 -37.16 18.83
CA VAL D 15 -18.93 -37.09 17.38
C VAL D 15 -19.13 -35.64 16.95
N PRO D 16 -18.14 -35.00 16.31
CA PRO D 16 -18.34 -33.62 15.86
C PRO D 16 -19.51 -33.52 14.89
N ARG D 17 -20.32 -32.50 15.06
CA ARG D 17 -21.51 -32.31 14.22
C ARG D 17 -21.31 -31.25 13.14
N GLY D 18 -20.21 -30.51 13.17
CA GLY D 18 -20.00 -29.48 12.16
C GLY D 18 -19.64 -30.08 10.82
N SER D 19 -20.06 -29.37 9.76
CA SER D 19 -19.65 -29.72 8.41
C SER D 19 -18.25 -29.21 8.07
N HIS D 20 -17.58 -28.59 9.03
CA HIS D 20 -16.21 -28.10 8.86
C HIS D 20 -15.35 -29.14 8.15
N MET D 21 -14.86 -28.78 6.97
CA MET D 21 -14.08 -29.71 6.16
C MET D 21 -12.59 -29.41 6.26
N ALA D 22 -12.13 -29.49 7.51
CA ALA D 22 -10.73 -29.32 7.87
C ALA D 22 -10.60 -29.78 9.31
N HIS D 23 -9.35 -29.88 9.78
CA HIS D 23 -9.17 -30.31 11.15
C HIS D 23 -9.71 -29.24 12.11
N GLY D 24 -9.92 -29.67 13.34
CA GLY D 24 -10.44 -28.93 14.47
C GLY D 24 -11.87 -29.34 14.79
N VAL D 25 -12.21 -29.25 16.07
CA VAL D 25 -13.51 -29.61 16.62
C VAL D 25 -13.97 -28.49 17.53
N LEU D 26 -15.28 -28.33 17.64
CA LEU D 26 -15.81 -27.34 18.56
C LEU D 26 -15.30 -27.62 19.98
N LEU D 27 -15.09 -26.55 20.74
CA LEU D 27 -14.53 -26.69 22.08
C LEU D 27 -15.40 -27.60 22.94
N GLU D 28 -16.72 -27.50 22.81
CA GLU D 28 -17.61 -28.34 23.59
C GLU D 28 -17.55 -29.80 23.16
N GLU D 29 -17.01 -30.08 21.97
CA GLU D 29 -16.91 -31.45 21.48
C GLU D 29 -15.56 -32.09 21.82
N SER D 30 -14.64 -31.33 22.40
CA SER D 30 -13.37 -31.87 22.84
C SER D 30 -13.49 -32.35 24.28
N GLY D 31 -12.46 -33.04 24.75
CA GLY D 31 -12.43 -33.49 26.12
C GLY D 31 -12.01 -32.44 27.12
N LEU D 32 -11.68 -31.25 26.64
CA LEU D 32 -11.19 -30.19 27.50
C LEU D 32 -12.25 -29.74 28.48
N ASP D 33 -11.87 -29.64 29.75
CA ASP D 33 -12.76 -29.17 30.81
C ASP D 33 -12.76 -27.65 30.84
N VAL D 34 -13.96 -27.05 30.89
CA VAL D 34 -14.06 -25.60 30.71
C VAL D 34 -15.09 -24.99 31.64
N GLN D 35 -15.56 -25.75 32.64
CA GLN D 35 -16.67 -25.28 33.46
C GLN D 35 -16.31 -24.04 34.26
N THR D 36 -15.05 -23.86 34.62
CA THR D 36 -14.64 -22.70 35.40
C THR D 36 -14.42 -21.46 34.55
N ILE D 37 -14.53 -21.56 33.24
CA ILE D 37 -14.33 -20.41 32.35
C ILE D 37 -15.63 -19.64 32.19
N PRO D 38 -15.64 -18.32 32.39
CA PRO D 38 -16.86 -17.54 32.15
C PRO D 38 -17.33 -17.68 30.72
N SER D 39 -18.65 -17.71 30.54
CA SER D 39 -19.28 -17.79 29.22
C SER D 39 -18.83 -19.04 28.48
N HIS D 40 -18.53 -20.10 29.22
CA HIS D 40 -18.04 -21.32 28.59
C HIS D 40 -19.09 -22.02 27.75
N ASP D 41 -20.37 -21.82 28.04
CA ASP D 41 -21.40 -22.48 27.22
C ASP D 41 -21.44 -21.87 25.82
N VAL D 42 -21.27 -20.55 25.71
CA VAL D 42 -21.30 -19.92 24.40
C VAL D 42 -19.95 -20.07 23.70
N LEU D 43 -18.85 -19.95 24.45
CA LEU D 43 -17.53 -20.16 23.85
C LEU D 43 -17.36 -21.61 23.39
N GLY D 44 -18.03 -22.56 24.05
CA GLY D 44 -17.99 -23.93 23.59
C GLY D 44 -18.53 -24.11 22.19
N ARG D 45 -19.41 -23.20 21.75
CA ARG D 45 -20.03 -23.25 20.45
C ARG D 45 -19.35 -22.35 19.42
N ILE D 46 -18.42 -21.50 19.85
CA ILE D 46 -17.73 -20.56 18.96
C ILE D 46 -16.31 -21.02 18.65
N VAL D 47 -15.60 -21.52 19.66
CA VAL D 47 -14.18 -21.81 19.52
C VAL D 47 -14.00 -23.20 18.92
N ILE D 48 -13.03 -23.33 18.04
CA ILE D 48 -12.62 -24.61 17.45
C ILE D 48 -11.18 -24.86 17.89
N VAL D 49 -10.95 -25.97 18.56
CA VAL D 49 -9.61 -26.30 19.05
C VAL D 49 -9.04 -27.47 18.27
N PRO D 50 -7.71 -27.63 18.22
CA PRO D 50 -7.16 -28.81 17.55
C PRO D 50 -7.60 -30.09 18.26
N GLU D 51 -7.58 -31.19 17.52
CA GLU D 51 -7.93 -32.46 18.13
C GLU D 51 -6.77 -33.13 18.86
N THR D 52 -5.53 -32.75 18.55
CA THR D 52 -4.38 -33.43 19.13
C THR D 52 -3.13 -32.57 19.01
N ASP D 53 -2.28 -32.64 20.03
CA ASP D 53 -0.96 -32.03 20.04
C ASP D 53 -1.00 -30.51 20.02
N PHE D 54 -1.90 -29.92 20.80
CA PHE D 54 -1.82 -28.51 21.13
C PHE D 54 -1.46 -28.38 22.61
N SER D 55 -1.25 -27.14 23.04
CA SER D 55 -0.89 -26.85 24.41
C SER D 55 -2.14 -26.40 25.17
N PHE D 56 -2.55 -27.18 26.17
CA PHE D 56 -3.78 -26.86 26.87
C PHE D 56 -3.63 -25.55 27.62
N ASP D 57 -2.40 -25.23 28.04
CA ASP D 57 -2.13 -23.98 28.73
C ASP D 57 -2.43 -22.79 27.83
N GLU D 58 -1.89 -22.81 26.61
CA GLU D 58 -2.10 -21.69 25.69
C GLU D 58 -3.56 -21.59 25.27
N ALA D 59 -4.23 -22.73 25.08
CA ALA D 59 -5.64 -22.69 24.72
C ALA D 59 -6.49 -22.12 25.84
N ASN D 60 -6.14 -22.43 27.09
CA ASN D 60 -6.94 -21.96 28.21
C ASN D 60 -6.84 -20.45 28.37
N GLU D 61 -5.65 -19.89 28.23
CA GLU D 61 -5.49 -18.44 28.38
C GLU D 61 -6.15 -17.69 27.23
N THR D 62 -6.11 -18.24 26.02
CA THR D 62 -6.79 -17.59 24.90
C THR D 62 -8.30 -17.60 25.09
N ILE D 63 -8.84 -18.71 25.60
CA ILE D 63 -10.29 -18.81 25.78
C ILE D 63 -10.74 -17.91 26.93
N ARG D 64 -9.95 -17.85 28.00
CA ARG D 64 -10.32 -17.00 29.14
C ARG D 64 -10.23 -15.52 28.78
N THR D 65 -9.34 -15.16 27.85
CA THR D 65 -9.30 -13.79 27.38
C THR D 65 -10.56 -13.45 26.59
N LEU D 66 -10.99 -14.36 25.71
CA LEU D 66 -12.23 -14.16 24.97
C LEU D 66 -13.42 -14.10 25.92
N ALA D 67 -13.34 -14.81 27.05
CA ALA D 67 -14.43 -14.83 28.02
C ALA D 67 -14.60 -13.51 28.73
N ARG D 68 -13.65 -12.57 28.60
CA ARG D 68 -13.84 -11.24 29.16
C ARG D 68 -14.81 -10.41 28.33
N ILE D 69 -15.09 -10.82 27.08
CA ILE D 69 -16.00 -10.06 26.24
C ILE D 69 -17.41 -10.17 26.78
N ASP D 70 -18.14 -9.05 26.73
CA ASP D 70 -19.51 -9.02 27.25
C ASP D 70 -20.32 -10.16 26.65
N ARG D 71 -21.12 -10.80 27.49
CA ARG D 71 -21.80 -12.02 27.08
C ARG D 71 -22.77 -11.75 25.93
N ARG D 72 -23.42 -10.59 25.92
CA ARG D 72 -24.34 -10.26 24.84
C ARG D 72 -23.63 -10.26 23.49
N ILE D 73 -22.37 -9.82 23.48
CA ILE D 73 -21.61 -9.79 22.23
C ILE D 73 -21.25 -11.20 21.78
N LEU D 74 -20.73 -12.01 22.71
CA LEU D 74 -20.44 -13.39 22.38
C LEU D 74 -21.67 -14.12 21.86
N GLU D 75 -22.82 -13.85 22.47
CA GLU D 75 -24.03 -14.53 22.04
C GLU D 75 -24.42 -14.12 20.62
N GLN D 76 -24.20 -12.86 20.27
CA GLN D 76 -24.49 -12.39 18.91
C GLN D 76 -23.53 -13.02 17.91
N ALA D 77 -22.26 -13.18 18.29
CA ALA D 77 -21.30 -13.84 17.40
C ALA D 77 -21.78 -15.25 17.07
N ALA D 78 -22.29 -15.97 18.06
CA ALA D 78 -22.82 -17.31 17.82
C ALA D 78 -24.04 -17.25 16.92
N ASN D 79 -24.89 -16.22 17.09
CA ASN D 79 -26.07 -16.12 16.24
C ASN D 79 -25.69 -15.88 14.78
N HIS D 80 -24.59 -15.17 14.54
CA HIS D 80 -24.09 -14.93 13.19
C HIS D 80 -23.14 -16.02 12.70
N HIS D 81 -23.01 -17.10 13.46
CA HIS D 81 -22.21 -18.26 13.04
C HIS D 81 -20.75 -17.89 12.84
N ILE D 82 -20.21 -17.12 13.77
CA ILE D 82 -18.78 -16.80 13.80
C ILE D 82 -18.08 -17.83 14.67
N TYR D 83 -16.96 -18.33 14.19
CA TYR D 83 -16.15 -19.30 14.92
C TYR D 83 -14.73 -18.76 15.05
N ILE D 84 -14.06 -19.15 16.12
CA ILE D 84 -12.67 -18.75 16.38
C ILE D 84 -11.87 -20.05 16.49
N GLN D 85 -11.10 -20.38 15.45
CA GLN D 85 -10.30 -21.60 15.44
C GLN D 85 -8.89 -21.31 15.92
N LEU D 86 -8.45 -22.02 16.95
CA LEU D 86 -7.09 -21.95 17.45
C LEU D 86 -6.23 -22.99 16.74
N LEU D 87 -5.08 -22.56 16.22
CA LEU D 87 -4.26 -23.38 15.34
C LEU D 87 -2.89 -23.66 15.94
N THR D 88 -2.29 -24.76 15.47
CA THR D 88 -0.90 -25.08 15.75
C THR D 88 -0.05 -25.03 14.49
N ASN D 89 -0.47 -24.24 13.51
CA ASN D 89 0.20 -24.16 12.21
C ASN D 89 -0.12 -22.81 11.59
N PRO D 90 0.60 -22.44 10.52
CA PRO D 90 0.31 -21.16 9.87
C PRO D 90 -1.13 -21.06 9.42
N ILE D 91 -1.67 -19.84 9.49
CA ILE D 91 -3.08 -19.64 9.15
C ILE D 91 -3.33 -19.95 7.69
N THR D 92 -2.32 -19.77 6.83
CA THR D 92 -2.48 -20.01 5.41
C THR D 92 -2.53 -21.49 5.06
N ASP D 93 -2.30 -22.37 6.01
CA ASP D 93 -2.52 -23.80 5.80
C ASP D 93 -4.00 -24.16 5.79
N GLU D 94 -4.85 -23.26 6.30
CA GLU D 94 -6.28 -23.59 6.37
C GLU D 94 -6.96 -23.20 5.05
N PRO D 95 -7.93 -23.98 4.60
CA PRO D 95 -8.56 -23.68 3.30
C PRO D 95 -9.11 -22.26 3.19
N ILE D 96 -9.60 -21.69 4.28
CA ILE D 96 -10.27 -20.39 4.19
C ILE D 96 -9.26 -19.29 3.85
N ALA D 97 -8.00 -19.47 4.23
CA ALA D 97 -6.95 -18.48 4.00
C ALA D 97 -5.89 -18.96 3.03
N ARG D 98 -6.13 -20.11 2.38
CA ARG D 98 -5.13 -20.69 1.49
C ARG D 98 -4.72 -19.72 0.40
N HIS D 99 -5.67 -18.93 -0.10
CA HIS D 99 -5.41 -18.03 -1.22
C HIS D 99 -4.47 -16.88 -0.85
N LEU D 100 -4.16 -16.70 0.42
CA LEU D 100 -3.31 -15.59 0.87
C LEU D 100 -1.83 -15.94 0.88
N ARG D 101 -1.48 -17.19 0.56
CA ARG D 101 -0.09 -17.63 0.59
C ARG D 101 0.77 -16.75 -0.31
N GLY D 102 1.91 -16.30 0.22
CA GLY D 102 2.87 -15.55 -0.54
C GLY D 102 2.57 -14.09 -0.74
N LYS D 103 1.48 -13.59 -0.18
CA LYS D 103 1.04 -12.22 -0.43
C LYS D 103 1.32 -11.33 0.77
N THR D 104 1.58 -10.07 0.50
CA THR D 104 1.81 -9.11 1.57
C THR D 104 0.50 -8.78 2.25
N PRO D 105 0.42 -8.83 3.58
CA PRO D 105 -0.83 -8.48 4.25
C PRO D 105 -1.20 -7.02 4.00
N ARG D 106 -2.50 -6.74 4.05
CA ARG D 106 -2.99 -5.39 3.88
C ARG D 106 -2.37 -4.46 4.90
N GLY D 107 -1.88 -3.31 4.43
CA GLY D 107 -1.30 -2.32 5.30
C GLY D 107 0.17 -2.54 5.65
N TYR D 108 0.73 -3.70 5.28
CA TYR D 108 2.13 -3.99 5.55
C TYR D 108 3.03 -3.50 4.42
N VAL D 109 4.27 -3.17 4.77
CA VAL D 109 5.25 -2.75 3.76
C VAL D 109 5.68 -3.96 2.94
N PRO D 110 5.78 -3.85 1.62
CA PRO D 110 6.23 -5.00 0.82
C PRO D 110 7.61 -5.47 1.25
N GLY D 111 7.78 -6.78 1.29
CA GLY D 111 9.05 -7.38 1.62
C GLY D 111 9.32 -7.54 3.10
N SER D 112 8.38 -7.13 3.96
CA SER D 112 8.57 -7.23 5.39
C SER D 112 7.80 -8.37 6.01
N LYS D 113 6.93 -9.04 5.25
CA LYS D 113 6.01 -10.02 5.82
C LYS D 113 5.16 -10.66 4.73
N THR D 114 4.81 -11.93 4.89
CA THR D 114 3.79 -12.59 4.08
C THR D 114 2.68 -13.09 4.99
N TRP D 115 1.51 -13.36 4.40
CA TRP D 115 0.40 -13.87 5.19
C TRP D 115 0.77 -15.17 5.90
N ASP D 116 1.70 -15.94 5.33
CA ASP D 116 2.11 -17.19 5.95
C ASP D 116 2.71 -16.98 7.33
N GLU D 117 3.30 -15.80 7.56
CA GLU D 117 3.94 -15.47 8.82
C GLU D 117 3.02 -14.70 9.77
N VAL D 118 1.79 -14.41 9.34
CA VAL D 118 0.85 -13.65 10.16
C VAL D 118 0.11 -14.62 11.07
N PRO D 119 0.13 -14.43 12.40
CA PRO D 119 -0.41 -15.43 13.31
C PRO D 119 -1.92 -15.35 13.54
N GLY D 120 -2.60 -14.38 12.95
CA GLY D 120 -4.03 -14.26 13.15
C GLY D 120 -4.68 -13.51 12.00
N ILE D 121 -5.95 -13.82 11.75
CA ILE D 121 -6.71 -13.14 10.72
C ILE D 121 -8.18 -13.12 11.13
N GLY D 122 -8.82 -11.97 10.93
CA GLY D 122 -10.24 -11.80 11.20
C GLY D 122 -10.92 -11.05 10.08
N GLY D 123 -12.22 -10.83 10.26
CA GLY D 123 -13.05 -10.10 9.31
C GLY D 123 -14.14 -10.91 8.66
N ALA D 124 -14.02 -12.24 8.66
CA ALA D 124 -14.99 -13.15 8.07
C ALA D 124 -15.59 -14.04 9.19
N HIS D 125 -16.34 -15.07 8.77
CA HIS D 125 -17.01 -15.93 9.73
C HIS D 125 -16.10 -16.91 10.44
N LEU D 126 -14.89 -17.13 9.94
CA LEU D 126 -13.92 -18.01 10.60
C LEU D 126 -12.67 -17.19 10.93
N VAL D 127 -12.50 -16.89 12.21
CA VAL D 127 -11.28 -16.25 12.70
C VAL D 127 -10.24 -17.33 12.95
N LEU D 128 -8.99 -17.06 12.57
CA LEU D 128 -7.89 -17.98 12.81
C LEU D 128 -6.89 -17.30 13.75
N VAL D 129 -6.49 -18.02 14.80
CA VAL D 129 -5.52 -17.52 15.78
C VAL D 129 -4.57 -18.66 16.12
N ARG D 130 -3.28 -18.45 15.88
CA ARG D 130 -2.29 -19.48 16.20
C ARG D 130 -1.93 -19.39 17.68
N LEU D 131 -2.02 -20.53 18.37
CA LEU D 131 -1.73 -20.55 19.80
C LEU D 131 -0.31 -20.12 20.07
N GLY D 132 -0.10 -19.51 21.24
CA GLY D 132 1.22 -19.07 21.62
C GLY D 132 1.66 -17.75 21.04
N HIS D 133 0.78 -17.04 20.32
CA HIS D 133 1.13 -15.79 19.68
C HIS D 133 0.23 -14.64 20.16
N SER D 134 -0.26 -14.74 21.39
CA SER D 134 -1.26 -13.78 21.87
C SER D 134 -0.64 -12.42 22.15
N GLU D 135 0.51 -12.40 22.83
CA GLU D 135 1.02 -11.16 23.37
C GLU D 135 1.79 -10.37 22.32
N LYS D 136 1.99 -9.08 22.61
CA LYS D 136 2.58 -8.16 21.65
C LYS D 136 3.99 -8.60 21.26
N GLY D 137 4.28 -8.52 19.97
CA GLY D 137 5.57 -8.84 19.43
C GLY D 137 5.70 -10.25 18.90
N LYS D 138 4.72 -11.12 19.17
CA LYS D 138 4.80 -12.52 18.76
C LYS D 138 4.21 -12.67 17.36
N GLY D 139 4.94 -12.08 16.40
CA GLY D 139 4.50 -12.08 15.03
C GLY D 139 3.54 -10.98 14.68
N HIS D 140 3.26 -10.07 15.61
CA HIS D 140 2.27 -9.03 15.42
C HIS D 140 2.57 -7.90 16.41
N GLY D 141 1.81 -6.82 16.30
CA GLY D 141 2.01 -5.66 17.13
C GLY D 141 0.82 -5.28 17.99
N SER D 142 -0.13 -6.21 18.13
CA SER D 142 -1.30 -5.99 18.95
C SER D 142 -1.03 -6.36 20.41
N ILE D 143 -1.77 -5.74 21.31
CA ILE D 143 -1.65 -6.09 22.72
C ILE D 143 -2.28 -7.45 22.99
N ASN D 144 -3.18 -7.92 22.11
CA ASN D 144 -3.78 -9.24 22.28
C ASN D 144 -4.29 -9.72 20.93
N LEU D 145 -3.68 -10.79 20.40
CA LEU D 145 -3.97 -11.22 19.04
C LEU D 145 -5.41 -11.70 18.89
N GLU D 146 -5.91 -12.50 19.83
CA GLU D 146 -7.22 -13.11 19.66
C GLU D 146 -8.34 -12.07 19.74
N LEU D 147 -8.19 -11.07 20.62
CA LEU D 147 -9.20 -10.03 20.72
C LEU D 147 -9.20 -9.14 19.48
N HIS D 148 -8.01 -8.84 18.96
CA HIS D 148 -7.92 -8.00 17.76
C HIS D 148 -8.58 -8.68 16.56
N ALA D 149 -8.20 -9.94 16.30
CA ALA D 149 -8.73 -10.64 15.15
C ALA D 149 -10.23 -10.85 15.29
N PHE D 150 -10.70 -11.25 16.47
CA PHE D 150 -12.12 -11.45 16.68
C PHE D 150 -12.88 -10.13 16.53
N ALA D 151 -12.26 -9.02 16.95
CA ALA D 151 -12.94 -7.72 16.83
C ALA D 151 -13.22 -7.39 15.37
N HIS D 152 -12.35 -7.83 14.46
CA HIS D 152 -12.59 -7.58 13.04
C HIS D 152 -13.87 -8.24 12.58
N SER D 153 -14.11 -9.49 12.99
CA SER D 153 -15.31 -10.19 12.54
C SER D 153 -16.55 -9.60 13.18
N LEU D 154 -16.46 -9.16 14.44
CA LEU D 154 -17.59 -8.48 15.06
C LEU D 154 -17.93 -7.21 14.30
N ASP D 155 -16.91 -6.43 13.95
CA ASP D 155 -17.11 -5.19 13.21
C ASP D 155 -17.84 -5.44 11.90
N TYR D 156 -17.33 -6.37 11.08
CA TYR D 156 -17.85 -6.54 9.74
C TYR D 156 -19.17 -7.31 9.70
N ILE D 157 -19.37 -8.26 10.61
CA ILE D 157 -20.50 -9.18 10.52
C ILE D 157 -21.57 -8.83 11.54
N VAL D 158 -21.22 -8.74 12.82
CA VAL D 158 -22.22 -8.51 13.85
C VAL D 158 -22.74 -7.08 13.83
N PHE D 159 -21.84 -6.11 13.64
CA PHE D 159 -22.20 -4.69 13.70
C PHE D 159 -22.22 -4.03 12.32
N ASP D 160 -22.26 -4.83 11.25
CA ASP D 160 -22.52 -4.32 9.91
C ASP D 160 -21.56 -3.18 9.54
N HIS D 161 -20.27 -3.50 9.60
CA HIS D 161 -19.22 -2.55 9.24
C HIS D 161 -19.38 -1.25 10.01
N ILE D 162 -19.42 -1.36 11.34
CA ILE D 162 -19.66 -0.19 12.17
C ILE D 162 -18.50 0.79 12.10
N HIS D 163 -17.31 0.37 11.66
CA HIS D 163 -16.21 1.31 11.53
C HIS D 163 -16.45 2.33 10.42
N GLU D 164 -17.42 2.07 9.53
CA GLU D 164 -17.71 2.98 8.43
C GLU D 164 -18.72 4.06 8.80
N THR D 165 -19.40 3.94 9.93
CA THR D 165 -20.40 4.92 10.32
C THR D 165 -19.74 6.29 10.48
N ASP D 166 -20.53 7.35 10.28
CA ASP D 166 -20.00 8.69 10.46
C ASP D 166 -19.48 8.89 11.88
N GLU D 167 -20.15 8.28 12.87
CA GLU D 167 -19.73 8.44 14.25
C GLU D 167 -18.32 7.90 14.45
N PHE D 168 -18.08 6.65 14.03
CA PHE D 168 -16.77 6.06 14.27
C PHE D 168 -15.67 6.72 13.44
N GLN D 169 -16.00 7.15 12.22
CA GLN D 169 -15.01 7.85 11.40
C GLN D 169 -14.54 9.12 12.10
N ALA D 170 -15.44 9.79 12.81
CA ALA D 170 -15.07 10.99 13.55
C ALA D 170 -14.14 10.64 14.71
N LEU D 171 -14.47 9.56 15.44
CA LEU D 171 -13.63 9.13 16.54
C LEU D 171 -12.24 8.73 16.06
N TRP D 172 -12.16 8.10 14.89
CA TRP D 172 -10.89 7.60 14.39
C TRP D 172 -9.95 8.74 14.01
N ARG D 173 -10.46 9.73 13.27
CA ARG D 173 -9.62 10.84 12.87
C ARG D 173 -9.15 11.65 14.07
N GLU D 174 -10.00 11.80 15.08
CA GLU D 174 -9.64 12.66 16.21
C GLU D 174 -8.75 11.95 17.22
N GLU D 175 -9.01 10.68 17.52
CA GLU D 175 -8.41 10.02 18.67
C GLU D 175 -7.41 8.94 18.31
N ALA D 176 -7.41 8.45 17.08
CA ALA D 176 -6.35 7.53 16.67
C ALA D 176 -4.97 8.14 16.87
N PRO D 177 -4.72 9.42 16.56
CA PRO D 177 -3.41 10.00 16.84
C PRO D 177 -3.09 10.09 18.33
N GLN D 178 -4.11 10.04 19.19
CA GLN D 178 -3.87 10.16 20.62
C GLN D 178 -3.44 8.84 21.24
N LEU D 179 -3.93 7.71 20.73
CA LEU D 179 -3.59 6.40 21.28
C LEU D 179 -2.47 5.72 20.51
N PHE D 180 -2.34 5.98 19.22
CA PHE D 180 -1.29 5.39 18.38
C PHE D 180 -0.57 6.49 17.60
N PRO D 181 0.12 7.38 18.30
CA PRO D 181 0.79 8.49 17.61
C PRO D 181 1.85 8.01 16.64
N ARG D 182 1.81 8.54 15.42
CA ARG D 182 2.81 8.26 14.37
C ARG D 182 2.91 6.77 14.08
N GLU D 183 1.79 6.05 14.20
CA GLU D 183 1.69 4.65 13.78
C GLU D 183 0.81 4.63 12.54
N TYR D 184 1.46 4.59 11.37
CA TYR D 184 0.73 4.70 10.11
C TYR D 184 -0.40 3.69 10.01
N PHE D 185 -0.21 2.50 10.60
CA PHE D 185 -1.16 1.43 10.42
C PHE D 185 -2.53 1.80 11.00
N PHE D 186 -2.55 2.33 12.22
CA PHE D 186 -3.81 2.70 12.84
C PHE D 186 -4.33 4.04 12.36
N LEU D 187 -3.44 4.93 11.91
CA LEU D 187 -3.86 6.23 11.39
C LEU D 187 -4.35 6.17 9.96
N THR D 188 -4.19 5.03 9.28
CA THR D 188 -4.62 4.87 7.90
C THR D 188 -5.88 4.01 7.76
N TYR D 189 -6.04 3.00 8.61
CA TYR D 189 -7.13 2.03 8.48
C TYR D 189 -8.06 2.11 9.67
N PRO D 190 -9.25 2.71 9.54
CA PRO D 190 -10.15 2.82 10.69
C PRO D 190 -10.58 1.48 11.26
N GLU D 191 -10.71 0.45 10.43
CA GLU D 191 -11.09 -0.87 10.93
C GLU D 191 -10.01 -1.45 11.83
N GLU D 192 -8.74 -1.06 11.61
CA GLU D 192 -7.67 -1.50 12.48
C GLU D 192 -7.69 -0.75 13.81
N TYR D 193 -8.04 0.53 13.77
CA TYR D 193 -8.22 1.28 15.01
C TYR D 193 -9.38 0.69 15.82
N PHE D 194 -10.44 0.25 15.15
CA PHE D 194 -11.55 -0.37 15.85
C PHE D 194 -11.12 -1.65 16.55
N ALA D 195 -10.44 -2.53 15.82
CA ALA D 195 -10.09 -3.85 16.38
C ALA D 195 -9.14 -3.72 17.56
N GLU D 196 -8.16 -2.81 17.47
CA GLU D 196 -7.20 -2.65 18.53
C GLU D 196 -7.78 -1.90 19.73
N SER D 197 -8.69 -0.96 19.49
CA SER D 197 -9.40 -0.32 20.61
C SER D 197 -10.26 -1.34 21.34
N PHE D 198 -10.91 -2.23 20.58
CA PHE D 198 -11.67 -3.31 21.20
C PHE D 198 -10.79 -4.14 22.12
N ALA D 199 -9.57 -4.47 21.67
CA ALA D 199 -8.66 -5.25 22.50
C ALA D 199 -8.24 -4.48 23.73
N TYR D 200 -7.96 -3.18 23.59
CA TYR D 200 -7.61 -2.37 24.75
C TYR D 200 -8.74 -2.36 25.78
N TYR D 201 -9.99 -2.35 25.31
CA TYR D 201 -11.12 -2.28 26.23
C TYR D 201 -11.25 -3.56 27.05
N TYR D 202 -10.94 -4.72 26.45
CA TYR D 202 -11.26 -6.00 27.04
C TYR D 202 -10.06 -6.79 27.54
N VAL D 203 -8.83 -6.33 27.30
CA VAL D 203 -7.67 -7.11 27.72
C VAL D 203 -7.51 -7.09 29.23
N SER D 204 -7.70 -5.93 29.85
CA SER D 204 -7.53 -5.80 31.29
C SER D 204 -8.13 -4.48 31.74
N GLU D 205 -8.33 -4.35 33.05
CA GLU D 205 -8.80 -3.09 33.60
C GLU D 205 -7.80 -1.97 33.34
N LYS D 206 -6.51 -2.30 33.37
CA LYS D 206 -5.47 -1.31 33.13
C LYS D 206 -5.49 -0.82 31.69
N THR D 207 -5.53 -1.74 30.72
CA THR D 207 -5.54 -1.31 29.33
C THR D 207 -6.84 -0.58 28.97
N GLN D 208 -7.96 -1.00 29.57
CA GLN D 208 -9.20 -0.27 29.41
C GLN D 208 -9.06 1.14 29.96
N GLU D 209 -8.27 1.30 31.03
CA GLU D 209 -8.03 2.61 31.61
C GLU D 209 -7.21 3.49 30.68
N THR D 210 -6.22 2.92 30.00
CA THR D 210 -5.47 3.67 29.00
C THR D 210 -6.39 4.20 27.90
N LEU D 211 -7.29 3.35 27.42
CA LEU D 211 -8.22 3.75 26.36
C LEU D 211 -9.10 4.91 26.80
N ARG D 212 -9.61 4.85 28.03
CA ARG D 212 -10.55 5.88 28.47
C ARG D 212 -9.89 7.25 28.48
N MET D 213 -8.60 7.29 28.85
CA MET D 213 -7.92 8.57 29.03
C MET D 213 -7.46 9.17 27.70
N ALA D 214 -6.89 8.36 26.82
CA ALA D 214 -6.34 8.90 25.58
C ALA D 214 -7.41 9.09 24.51
N ALA D 215 -8.48 8.29 24.57
CA ALA D 215 -9.52 8.29 23.55
C ALA D 215 -10.87 8.09 24.22
N PRO D 216 -11.32 9.09 25.00
CA PRO D 216 -12.58 8.92 25.74
C PRO D 216 -13.76 8.67 24.85
N ARG D 217 -13.78 9.29 23.68
CA ARG D 217 -14.89 9.06 22.76
C ARG D 217 -14.91 7.62 22.25
N THR D 218 -13.74 7.04 22.02
CA THR D 218 -13.63 5.67 21.56
C THR D 218 -14.03 4.69 22.67
N TYR D 219 -13.58 4.93 23.89
CA TYR D 219 -13.99 4.12 25.03
C TYR D 219 -15.51 4.01 25.11
N THR D 220 -16.20 5.15 25.05
CA THR D 220 -17.66 5.12 25.13
C THR D 220 -18.25 4.32 23.98
N PHE D 221 -17.67 4.47 22.78
CA PHE D 221 -18.19 3.75 21.62
C PHE D 221 -18.09 2.24 21.83
N ILE D 222 -16.92 1.77 22.23
CA ILE D 222 -16.74 0.34 22.48
C ILE D 222 -17.66 -0.12 23.60
N ARG D 223 -17.81 0.72 24.64
CA ARG D 223 -18.64 0.34 25.77
C ARG D 223 -20.08 0.06 25.31
N GLN D 224 -20.59 0.86 24.37
CA GLN D 224 -21.96 0.73 23.91
C GLN D 224 -22.18 -0.45 22.98
N LEU D 225 -21.13 -1.15 22.55
CA LEU D 225 -21.35 -2.29 21.67
C LEU D 225 -22.20 -3.36 22.35
N ALA D 226 -21.98 -3.58 23.65
CA ALA D 226 -22.76 -4.57 24.37
C ALA D 226 -24.25 -4.24 24.36
N GLU D 227 -24.60 -2.96 24.39
CA GLU D 227 -26.00 -2.56 24.32
C GLU D 227 -26.55 -2.63 22.91
N ARG D 228 -25.71 -2.34 21.91
CA ARG D 228 -26.13 -2.46 20.51
C ARG D 228 -26.68 -3.85 20.22
C ACE E 1 14.22 11.72 -3.29
O ACE E 1 14.40 11.17 -2.23
CH3 ACE E 1 15.02 12.92 -3.76
H1 ACE E 1 14.78 13.20 -4.79
H2 ACE E 1 14.85 13.80 -3.15
H3 ACE E 1 16.09 12.73 -3.74
N GLU E 2 13.28 11.32 -4.15
CA GLU E 2 12.40 10.19 -3.88
C GLU E 2 11.88 9.66 -5.21
N PRO E 3 11.89 8.34 -5.42
CA PRO E 3 11.41 7.80 -6.70
C PRO E 3 9.90 7.90 -6.80
N LEU E 4 9.39 8.76 -7.67
CA LEU E 4 7.95 8.96 -7.81
C LEU E 4 7.48 8.45 -9.16
N PRO E 5 6.48 7.57 -9.21
CA PRO E 5 6.06 7.03 -10.51
C PRO E 5 5.00 7.91 -11.16
N PRO E 6 4.69 7.66 -12.42
CA PRO E 6 3.50 8.25 -13.02
C PRO E 6 2.25 7.55 -12.48
N PRO E 7 1.06 8.08 -12.77
CA PRO E 7 -0.16 7.35 -12.36
C PRO E 7 -0.20 5.98 -13.03
N PRO E 8 -0.81 5.02 -12.37
CA PRO E 8 -0.91 3.66 -12.96
C PRO E 8 -1.77 3.64 -14.22
N NH2 E 9 -1.38 2.77 -15.17
HN1 NH2 E 9 -1.80 2.69 -15.93
HN2 NH2 E 9 -0.70 2.27 -15.05
N GLU F 2 23.56 -14.83 16.77
CA GLU F 2 24.37 -13.74 17.39
C GLU F 2 23.70 -12.37 17.22
N PRO F 3 23.49 -11.95 15.98
CA PRO F 3 22.95 -10.60 15.74
C PRO F 3 21.50 -10.47 16.17
N LEU F 4 21.21 -9.39 16.93
CA LEU F 4 19.86 -9.11 17.43
C LEU F 4 19.18 -8.06 16.58
N PRO F 5 17.94 -8.31 16.17
CA PRO F 5 17.24 -7.37 15.29
C PRO F 5 16.57 -6.26 16.08
N PRO F 6 15.94 -5.32 15.40
CA PRO F 6 15.05 -4.40 16.10
C PRO F 6 13.83 -5.13 16.64
N PRO F 7 12.99 -4.46 17.44
CA PRO F 7 11.79 -5.11 17.95
C PRO F 7 10.87 -5.62 16.85
N PRO F 8 10.19 -6.73 17.10
CA PRO F 8 9.27 -7.30 16.10
C PRO F 8 8.05 -6.41 15.83
N NH2 F 9 7.61 -6.40 14.56
HN1 NH2 F 9 6.94 -5.92 14.31
HN2 NH2 F 9 7.99 -6.87 13.95
N GLU G 2 -4.59 -12.05 -29.46
CA GLU G 2 -6.03 -11.99 -29.84
C GLU G 2 -6.89 -11.39 -28.72
N PRO G 3 -6.79 -11.93 -27.50
CA PRO G 3 -7.63 -11.42 -26.40
C PRO G 3 -7.15 -10.04 -25.97
N LEU G 4 -8.07 -9.10 -25.91
CA LEU G 4 -7.72 -7.74 -25.51
C LEU G 4 -8.06 -7.52 -24.04
N PRO G 5 -7.15 -6.88 -23.30
CA PRO G 5 -7.35 -6.67 -21.87
C PRO G 5 -8.19 -5.43 -21.62
N PRO G 6 -8.47 -5.11 -20.36
CA PRO G 6 -9.04 -3.81 -20.05
C PRO G 6 -8.06 -2.70 -20.36
N PRO G 7 -8.48 -1.43 -20.26
CA PRO G 7 -7.57 -0.31 -20.57
C PRO G 7 -6.31 -0.33 -19.72
N PRO G 8 -5.20 0.12 -20.29
CA PRO G 8 -3.93 0.15 -19.55
C PRO G 8 -3.92 1.21 -18.44
N NH2 G 9 -3.25 0.88 -17.30
HN1 NH2 G 9 -3.21 1.42 -16.64
HN2 NH2 G 9 -2.86 0.12 -17.24
C ACE H 1 -14.70 -9.91 3.78
O ACE H 1 -14.73 -9.47 2.67
CH3 ACE H 1 -15.89 -10.56 4.46
H1 ACE H 1 -15.58 -11.16 5.33
H2 ACE H 1 -16.61 -9.84 4.83
H3 ACE H 1 -16.43 -11.23 3.80
N GLU H 2 -13.60 -9.84 4.51
CA GLU H 2 -12.36 -9.23 4.02
C GLU H 2 -11.24 -9.65 4.97
N PRO H 3 -10.09 -10.08 4.43
CA PRO H 3 -9.01 -10.56 5.30
C PRO H 3 -8.31 -9.40 5.99
N LEU H 4 -8.40 -9.37 7.33
CA LEU H 4 -7.80 -8.30 8.11
C LEU H 4 -6.64 -8.84 8.93
N PRO H 5 -5.44 -8.29 8.81
CA PRO H 5 -4.32 -8.80 9.58
C PRO H 5 -4.24 -8.11 10.93
N PRO H 6 -3.41 -8.61 11.84
CA PRO H 6 -3.08 -7.85 13.04
C PRO H 6 -2.15 -6.72 12.70
N PRO H 7 -1.88 -5.80 13.64
CA PRO H 7 -0.89 -4.75 13.38
C PRO H 7 0.46 -5.39 13.10
N PRO H 8 1.27 -4.79 12.24
CA PRO H 8 2.60 -5.36 11.95
C PRO H 8 3.51 -5.45 13.17
N NH2 H 9 4.39 -6.46 13.15
HN1 NH2 H 9 4.96 -6.59 13.80
HN2 NH2 H 9 4.44 -7.01 12.49
ZN ZN I . 3.60 10.39 -10.00
O1 PG4 J . -17.01 16.28 -8.38
C1 PG4 J . -16.38 15.43 -9.31
C2 PG4 J . -16.91 15.71 -10.69
O2 PG4 J . -15.92 15.43 -11.66
C3 PG4 J . -16.42 14.67 -12.72
C4 PG4 J . -15.42 14.61 -13.85
O3 PG4 J . -15.80 13.60 -14.76
C5 PG4 J . -15.24 12.34 -14.47
C6 PG4 J . -16.22 11.25 -14.83
O4 PG4 J . -15.99 10.12 -14.00
C7 PG4 J . -16.68 10.22 -12.77
C8 PG4 J . -16.04 9.31 -11.74
O5 PG4 J . -16.21 7.95 -12.11
HO1 PG4 J . -16.65 16.13 -7.61
H11 PG4 J . -15.41 15.56 -9.31
H12 PG4 J . -16.53 14.50 -9.10
H21 PG4 J . -17.18 16.64 -10.73
H22 PG4 J . -17.70 15.18 -10.82
H31 PG4 J . -16.62 13.77 -12.43
H32 PG4 J . -17.25 15.04 -13.06
H41 PG4 J . -14.54 14.44 -13.48
H42 PG4 J . -15.37 15.48 -14.27
H51 PG4 J . -15.01 12.28 -13.53
H52 PG4 J . -14.42 12.21 -14.98
H61 PG4 J . -16.11 11.03 -15.77
H62 PG4 J . -17.13 11.60 -14.72
H71 PG4 J . -17.61 9.96 -12.88
H72 PG4 J . -16.67 11.13 -12.45
H81 PG4 J . -16.46 9.52 -10.89
H82 PG4 J . -15.11 9.57 -11.67
HO5 PG4 J . -15.83 7.47 -11.52
ZN ZN K . 17.04 -4.57 18.70
ZN ZN L . -10.61 -4.07 -22.83
ZN ZN M . -6.05 -5.76 12.01
C1 PGE N . 1.88 0.37 3.94
O1 PGE N . 2.47 1.64 3.97
C2 PGE N . 1.91 -0.19 2.54
O2 PGE N . 1.26 0.72 1.68
C3 PGE N . 0.05 0.27 1.12
C4 PGE N . 0.09 0.09 -0.37
O4 PGE N . -3.24 0.49 -2.67
C6 PGE N . -2.27 1.51 -2.78
C5 PGE N . -0.95 0.95 -2.30
O3 PGE N . -1.11 0.54 -0.97
H1 PGE N . 2.33 -0.27 4.52
H12 PGE N . 0.95 0.39 4.22
HO1 PGE N . 2.41 1.95 4.75
H2 PGE N . 1.47 -1.06 2.53
H22 PGE N . 2.83 -0.33 2.27
H3 PGE N . -0.21 -0.57 1.52
H32 PGE N . -0.67 0.90 1.34
H4 PGE N . 0.24 -0.84 -0.57
H42 PGE N . 0.84 0.59 -0.72
HO4 PGE N . -3.99 0.82 -2.83
H6 PGE N . -2.18 1.82 -3.70
H62 PGE N . -2.51 2.28 -2.24
H5 PGE N . -0.26 1.62 -2.38
H52 PGE N . -0.69 0.20 -2.86
#